data_6RVM
#
_entry.id   6RVM
#
_cell.length_a   72.564
_cell.length_b   78.805
_cell.length_c   225.639
_cell.angle_alpha   90.00
_cell.angle_beta   90.00
_cell.angle_gamma   90.00
#
_symmetry.space_group_name_H-M   'P 21 21 21'
#
loop_
_entity.id
_entity.type
_entity.pdbx_description
1 polymer 'Cell division protein FtsZ'
2 non-polymer 'SULFATE ION'
3 non-polymer GLYCEROL
4 non-polymer 'CHLORIDE ION'
5 non-polymer 'MAGNESIUM ION'
6 water water
#
_entity_poly.entity_id   1
_entity_poly.type   'polypeptide(L)'
_entity_poly.pdbx_seq_one_letter_code
;SHMATLKVIGVGGGGNNAVNRMIDHGMNNVEFIAINTDGQALNLSKAESKIQIGEKLTRGLGAGANPEIGKKAAEESREQ
IEDAIQGADMVFVTSGMGGGTGTGAAPVVAKIAKEMGALTVGVVTRPFSFEGRKRQTQAAAGVEAMKAAVDTLIVIPNDR
LLDIVDKSTPMMEAFKEADNVLRQGVQGISDLIAVSGEVNLDFADVKTIMSNQGSALMGIGVSSGENRAVEAAKKAISSP
LLETSIVGAQGVLMNITGGESLSLFEAQEAADIVQDAADEDVNMIFGTVINPELQDEIVVTVIATGFD
;
_entity_poly.pdbx_strand_id   A,B,C,D
#
loop_
_chem_comp.id
_chem_comp.type
_chem_comp.name
_chem_comp.formula
CL non-polymer 'CHLORIDE ION' 'Cl -1'
GOL non-polymer GLYCEROL 'C3 H8 O3'
MG non-polymer 'MAGNESIUM ION' 'Mg 2'
SO4 non-polymer 'SULFATE ION' 'O4 S -2'
#
# COMPACT_ATOMS: atom_id res chain seq x y z
N ALA A 4 -14.45 20.48 23.80
CA ALA A 4 -13.24 20.16 23.03
C ALA A 4 -12.03 20.07 23.96
N THR A 5 -11.33 18.94 23.91
CA THR A 5 -10.18 18.69 24.78
C THR A 5 -8.88 18.98 24.04
N LEU A 6 -7.98 19.68 24.73
CA LEU A 6 -6.71 20.10 24.17
C LEU A 6 -5.57 19.38 24.87
N LYS A 7 -4.53 19.08 24.10
CA LYS A 7 -3.32 18.43 24.64
C LYS A 7 -2.09 19.20 24.17
N VAL A 8 -1.25 19.57 25.12
CA VAL A 8 -0.05 20.37 24.87
C VAL A 8 1.16 19.46 25.05
N ILE A 9 1.92 19.27 23.97
CA ILE A 9 3.03 18.32 23.94
C ILE A 9 4.33 19.09 23.81
N GLY A 10 5.19 18.98 24.82
CA GLY A 10 6.53 19.54 24.76
C GLY A 10 7.53 18.48 24.39
N VAL A 11 8.25 18.72 23.29
CA VAL A 11 9.19 17.77 22.73
C VAL A 11 10.61 18.28 22.96
N GLY A 12 11.46 17.42 23.51
CA GLY A 12 12.84 17.80 23.77
C GLY A 12 12.99 18.66 25.01
N GLY A 13 14.23 18.99 25.32
CA GLY A 13 14.52 19.85 26.46
C GLY A 13 13.73 21.14 26.44
N GLY A 14 13.73 21.83 25.30
CA GLY A 14 12.99 23.07 25.20
C GLY A 14 11.51 22.89 25.51
N GLY A 15 10.88 21.93 24.83
CA GLY A 15 9.47 21.69 25.07
C GLY A 15 9.17 21.24 26.48
N ASN A 16 10.08 20.50 27.11
CA ASN A 16 9.88 20.08 28.49
C ASN A 16 9.86 21.28 29.42
N ASN A 17 10.78 22.23 29.23
CA ASN A 17 10.78 23.43 30.05
C ASN A 17 9.54 24.27 29.79
N ALA A 18 9.16 24.43 28.52
CA ALA A 18 7.92 25.11 28.18
C ALA A 18 6.73 24.47 28.90
N VAL A 19 6.67 23.14 28.88
CA VAL A 19 5.55 22.45 29.52
C VAL A 19 5.59 22.65 31.03
N ASN A 20 6.79 22.65 31.62
CA ASN A 20 6.90 22.87 33.06
C ASN A 20 6.34 24.23 33.44
N ARG A 21 6.62 25.26 32.64
CA ARG A 21 6.09 26.59 32.93
C ARG A 21 4.58 26.64 32.76
N MET A 22 4.06 26.01 31.69
CA MET A 22 2.62 26.10 31.41
C MET A 22 1.81 25.34 32.45
N ILE A 23 2.39 24.34 33.11
CA ILE A 23 1.68 23.65 34.19
C ILE A 23 1.52 24.57 35.39
N ASP A 24 2.56 25.32 35.73
CA ASP A 24 2.50 26.24 36.86
C ASP A 24 1.45 27.33 36.64
N ASN A 28 -7.89 22.70 35.36
CA ASN A 28 -7.96 23.14 33.97
C ASN A 28 -8.60 22.04 33.12
N ASN A 29 -8.64 22.26 31.80
CA ASN A 29 -9.15 21.27 30.86
C ASN A 29 -8.11 20.92 29.78
N VAL A 30 -6.83 21.12 30.07
CA VAL A 30 -5.76 20.88 29.13
C VAL A 30 -4.81 19.85 29.74
N GLU A 31 -4.48 18.82 28.96
CA GLU A 31 -3.52 17.81 29.37
C GLU A 31 -2.14 18.15 28.82
N PHE A 32 -1.11 17.81 29.59
CA PHE A 32 0.27 18.08 29.22
C PHE A 32 1.02 16.76 29.05
N ILE A 33 1.72 16.63 27.92
CA ILE A 33 2.57 15.49 27.63
C ILE A 33 3.99 15.99 27.40
N ALA A 34 4.96 15.27 27.96
CA ALA A 34 6.38 15.58 27.76
C ALA A 34 7.03 14.42 27.02
N ILE A 35 7.74 14.73 25.94
CA ILE A 35 8.38 13.73 25.10
C ILE A 35 9.84 14.12 24.92
N ASN A 36 10.73 13.14 25.06
CA ASN A 36 12.16 13.41 24.96
C ASN A 36 12.91 12.11 24.72
N THR A 37 13.97 12.18 23.92
CA THR A 37 14.90 11.06 23.82
C THR A 37 15.77 10.94 25.06
N ASP A 38 15.99 12.06 25.75
CA ASP A 38 16.85 12.11 26.93
C ASP A 38 16.03 11.71 28.14
N GLY A 39 16.27 10.50 28.66
CA GLY A 39 15.56 10.06 29.84
C GLY A 39 15.90 10.87 31.07
N GLN A 40 17.13 11.38 31.15
CA GLN A 40 17.53 12.15 32.32
C GLN A 40 16.69 13.41 32.46
N ALA A 41 16.30 14.03 31.34
CA ALA A 41 15.54 15.26 31.39
C ALA A 41 14.07 15.02 31.73
N LEU A 42 13.50 13.90 31.30
CA LEU A 42 12.10 13.61 31.61
C LEU A 42 11.89 13.44 33.11
N ASN A 43 12.91 12.96 33.83
CA ASN A 43 12.82 12.89 35.29
C ASN A 43 12.52 14.26 35.89
N LEU A 44 12.98 15.33 35.24
CA LEU A 44 12.76 16.68 35.73
C LEU A 44 11.49 17.32 35.18
N SER A 45 10.69 16.57 34.41
CA SER A 45 9.45 17.10 33.88
C SER A 45 8.34 16.98 34.90
N LYS A 46 7.48 17.99 34.96
CA LYS A 46 6.32 17.99 35.84
C LYS A 46 5.06 17.48 35.15
N ALA A 47 5.16 17.11 33.87
CA ALA A 47 3.99 16.66 33.13
C ALA A 47 3.48 15.33 33.68
N GLU A 48 2.15 15.18 33.68
CA GLU A 48 1.55 13.94 34.13
C GLU A 48 1.86 12.78 33.20
N SER A 49 1.99 13.05 31.91
CA SER A 49 2.26 12.03 30.91
C SER A 49 3.65 12.26 30.33
N LYS A 50 4.52 11.25 30.47
CA LYS A 50 5.90 11.33 30.01
C LYS A 50 6.20 10.13 29.12
N ILE A 51 6.88 10.39 28.00
CA ILE A 51 7.24 9.35 27.04
C ILE A 51 8.72 9.53 26.69
N GLN A 52 9.51 8.50 26.96
CA GLN A 52 10.89 8.45 26.47
C GLN A 52 10.88 7.70 25.14
N ILE A 53 11.34 8.37 24.08
CA ILE A 53 11.23 7.84 22.73
C ILE A 53 12.60 7.36 22.26
N GLY A 54 12.58 6.30 21.46
CA GLY A 54 13.78 5.80 20.83
C GLY A 54 14.76 5.12 21.78
N GLU A 55 14.25 4.35 22.74
CA GLU A 55 15.14 3.71 23.71
C GLU A 55 16.08 2.72 23.03
N LYS A 56 15.56 1.93 22.07
CA LYS A 56 16.42 1.04 21.31
C LYS A 56 17.47 1.82 20.53
N LEU A 57 17.03 2.90 19.86
CA LEU A 57 17.92 3.62 18.96
C LEU A 57 19.02 4.35 19.73
N THR A 58 18.71 4.88 20.90
CA THR A 58 19.67 5.65 21.68
C THR A 58 20.45 4.82 22.69
N ARG A 59 20.16 3.53 22.79
CA ARG A 59 20.88 2.69 23.75
C ARG A 59 22.37 2.74 23.46
N GLY A 60 23.16 3.02 24.49
CA GLY A 60 24.60 3.09 24.38
C GLY A 60 25.12 4.46 24.00
N LEU A 61 24.31 5.30 23.35
CA LEU A 61 24.73 6.65 23.04
C LEU A 61 24.72 7.50 24.30
N GLY A 62 25.26 8.72 24.17
CA GLY A 62 25.14 9.73 25.20
C GLY A 62 24.01 10.69 24.92
N ALA A 63 24.01 11.79 25.68
CA ALA A 63 23.07 12.88 25.42
C ALA A 63 23.47 13.59 24.14
N GLY A 64 22.71 13.40 23.07
CA GLY A 64 23.05 13.88 21.76
C GLY A 64 22.19 15.05 21.30
N ALA A 65 22.62 15.65 20.19
CA ALA A 65 21.97 16.82 19.62
C ALA A 65 21.66 16.62 18.14
N ASN A 66 21.47 15.37 17.72
CA ASN A 66 21.22 15.06 16.32
C ASN A 66 19.72 15.07 16.05
N PRO A 67 19.22 15.94 15.15
CA PRO A 67 17.78 15.88 14.83
C PRO A 67 17.34 14.55 14.26
N GLU A 68 18.17 13.92 13.42
CA GLU A 68 17.77 12.66 12.79
C GLU A 68 17.48 11.60 13.84
N ILE A 69 18.32 11.51 14.88
CA ILE A 69 18.06 10.57 15.97
C ILE A 69 16.69 10.85 16.57
N GLY A 70 16.33 12.12 16.71
CA GLY A 70 15.03 12.47 17.27
C GLY A 70 13.87 12.06 16.37
N LYS A 71 14.01 12.31 15.06
CA LYS A 71 12.97 11.93 14.11
C LYS A 71 12.74 10.42 14.14
N LYS A 72 13.82 9.63 14.09
CA LYS A 72 13.68 8.18 14.11
C LYS A 72 13.31 7.68 15.51
N ALA A 73 13.74 8.38 16.56
CA ALA A 73 13.30 8.02 17.91
C ALA A 73 11.79 8.13 18.03
N ALA A 74 11.20 9.19 17.49
CA ALA A 74 9.75 9.36 17.55
C ALA A 74 9.04 8.27 16.74
N GLU A 75 9.58 7.93 15.57
CA GLU A 75 8.97 6.88 14.76
C GLU A 75 9.07 5.52 15.45
N GLU A 76 10.19 5.25 16.12
CA GLU A 76 10.29 4.02 16.89
C GLU A 76 9.19 3.92 17.94
N SER A 77 8.86 5.05 18.57
CA SER A 77 7.86 5.09 19.64
C SER A 77 6.51 5.59 19.15
N ARG A 78 6.24 5.47 17.84
CA ARG A 78 4.99 5.97 17.29
C ARG A 78 3.79 5.45 18.07
N GLU A 79 3.79 4.17 18.41
CA GLU A 79 2.64 3.57 19.07
C GLU A 79 2.41 4.18 20.45
N GLN A 80 3.49 4.42 21.20
CA GLN A 80 3.35 5.05 22.51
C GLN A 80 2.82 6.48 22.38
N ILE A 81 3.20 7.18 21.31
CA ILE A 81 2.76 8.56 21.13
C ILE A 81 1.28 8.62 20.77
N GLU A 82 0.83 7.72 19.89
CA GLU A 82 -0.58 7.67 19.54
C GLU A 82 -1.45 7.42 20.76
N ASP A 83 -1.02 6.50 21.63
CA ASP A 83 -1.82 6.17 22.80
C ASP A 83 -2.00 7.37 23.72
N ALA A 84 -0.97 8.21 23.84
CA ALA A 84 -1.06 9.37 24.71
C ALA A 84 -1.88 10.50 24.09
N ILE A 85 -1.87 10.61 22.76
CA ILE A 85 -2.64 11.65 22.09
C ILE A 85 -4.11 11.26 21.92
N GLN A 86 -4.42 9.96 21.98
CA GLN A 86 -5.79 9.50 21.76
C GLN A 86 -6.77 10.28 22.63
N GLY A 87 -7.82 10.80 21.99
CA GLY A 87 -8.81 11.60 22.66
C GLY A 87 -8.63 13.10 22.50
N ALA A 88 -7.65 13.54 21.72
CA ALA A 88 -7.36 14.96 21.57
C ALA A 88 -8.06 15.50 20.33
N ASP A 89 -8.80 16.61 20.52
CA ASP A 89 -9.39 17.32 19.39
C ASP A 89 -8.35 18.21 18.71
N MET A 90 -7.65 19.01 19.50
CA MET A 90 -6.55 19.84 19.00
C MET A 90 -5.29 19.52 19.80
N VAL A 91 -4.14 19.74 19.16
CA VAL A 91 -2.85 19.42 19.74
C VAL A 91 -1.91 20.60 19.51
N PHE A 92 -1.26 21.06 20.58
CA PHE A 92 -0.17 22.03 20.50
C PHE A 92 1.15 21.27 20.67
N VAL A 93 2.01 21.35 19.67
CA VAL A 93 3.33 20.73 19.71
C VAL A 93 4.38 21.83 19.67
N THR A 94 5.36 21.76 20.57
CA THR A 94 6.44 22.73 20.59
C THR A 94 7.71 22.06 21.09
N SER A 95 8.82 22.33 20.40
CA SER A 95 10.14 21.92 20.87
C SER A 95 10.86 23.05 21.59
N GLY A 96 10.23 24.22 21.73
CA GLY A 96 10.81 25.27 22.55
C GLY A 96 12.07 25.85 21.94
N MET A 97 13.03 26.15 22.83
CA MET A 97 14.22 26.92 22.47
C MET A 97 15.39 26.05 22.05
N GLY A 98 15.16 24.80 21.68
CA GLY A 98 16.23 23.85 21.41
C GLY A 98 16.33 23.45 19.95
N GLY A 99 17.55 23.09 19.52
CA GLY A 99 17.79 22.72 18.15
C GLY A 99 18.29 21.29 17.97
N GLY A 100 18.04 20.44 18.95
CA GLY A 100 18.54 19.07 18.97
C GLY A 100 17.50 18.04 18.62
N THR A 101 17.57 16.88 19.26
CA THR A 101 16.70 15.76 18.92
C THR A 101 15.23 16.19 18.85
N GLY A 102 14.78 16.93 19.85
CA GLY A 102 13.41 17.44 19.84
C GLY A 102 13.07 18.14 18.55
N THR A 103 14.03 18.83 17.96
CA THR A 103 13.80 19.46 16.66
C THR A 103 13.33 18.45 15.63
N GLY A 104 13.91 17.24 15.65
CA GLY A 104 13.55 16.21 14.70
C GLY A 104 12.35 15.38 15.13
N ALA A 105 12.20 15.20 16.45
CA ALA A 105 11.08 14.41 16.94
C ALA A 105 9.76 15.17 16.86
N ALA A 106 9.80 16.49 17.08
CA ALA A 106 8.56 17.25 17.14
C ALA A 106 7.76 17.19 15.86
N PRO A 107 8.35 17.31 14.67
CA PRO A 107 7.55 17.12 13.45
C PRO A 107 6.85 15.77 13.40
N VAL A 108 7.50 14.70 13.84
CA VAL A 108 6.88 13.38 13.82
C VAL A 108 5.68 13.34 14.75
N VAL A 109 5.82 13.91 15.95
CA VAL A 109 4.70 13.95 16.88
C VAL A 109 3.51 14.66 16.27
N ALA A 110 3.77 15.75 15.53
CA ALA A 110 2.68 16.44 14.84
C ALA A 110 2.12 15.59 13.71
N LYS A 111 3.01 14.93 12.94
CA LYS A 111 2.53 14.03 11.90
C LYS A 111 1.58 12.97 12.47
N ILE A 112 1.90 12.44 13.65
CA ILE A 112 1.03 11.46 14.28
C ILE A 112 -0.29 12.10 14.66
N ALA A 113 -0.24 13.21 15.41
CA ALA A 113 -1.46 13.90 15.79
C ALA A 113 -2.32 14.23 14.58
N LYS A 114 -1.69 14.72 13.50
CA LYS A 114 -2.42 15.05 12.29
C LYS A 114 -3.01 13.79 11.66
N GLU A 115 -2.19 12.76 11.44
CA GLU A 115 -2.68 11.52 10.86
C GLU A 115 -3.68 10.81 11.76
N MET A 116 -3.83 11.23 13.01
CA MET A 116 -4.87 10.73 13.89
C MET A 116 -6.13 11.58 13.85
N GLY A 117 -6.13 12.68 13.09
CA GLY A 117 -7.32 13.49 12.94
C GLY A 117 -7.52 14.54 14.02
N ALA A 118 -6.45 15.03 14.63
CA ALA A 118 -6.52 16.15 15.57
C ALA A 118 -5.94 17.38 14.89
N LEU A 119 -6.66 18.50 14.95
CA LEU A 119 -6.12 19.75 14.48
C LEU A 119 -4.80 20.02 15.18
N THR A 120 -3.72 20.05 14.41
CA THR A 120 -2.37 20.04 14.97
C THR A 120 -1.72 21.40 14.74
N VAL A 121 -1.27 22.02 15.82
CA VAL A 121 -0.68 23.36 15.78
C VAL A 121 0.78 23.26 16.21
N GLY A 122 1.68 23.70 15.35
CA GLY A 122 3.08 23.81 15.72
C GLY A 122 3.40 25.16 16.32
N VAL A 123 3.87 25.18 17.55
CA VAL A 123 4.14 26.41 18.28
C VAL A 123 5.65 26.63 18.31
N VAL A 124 6.11 27.73 17.71
CA VAL A 124 7.52 28.05 17.62
C VAL A 124 7.78 29.30 18.46
N THR A 125 8.63 29.16 19.48
CA THR A 125 9.12 30.28 20.27
C THR A 125 10.55 30.66 19.96
N ARG A 126 11.33 29.75 19.38
CA ARG A 126 12.74 30.01 19.13
C ARG A 126 12.90 30.99 17.96
N PRO A 127 13.61 32.11 18.14
CA PRO A 127 13.82 33.03 17.02
C PRO A 127 14.63 32.37 15.91
N PHE A 128 14.32 32.73 14.67
CA PHE A 128 14.96 32.15 13.50
C PHE A 128 14.87 33.13 12.34
N SER A 129 15.37 32.72 11.19
CA SER A 129 15.15 33.45 9.94
C SER A 129 15.48 32.55 8.74
N ARG A 135 19.83 31.20 8.42
CA ARG A 135 19.13 30.22 7.61
C ARG A 135 19.80 28.85 7.72
N GLN A 136 21.12 28.87 7.94
CA GLN A 136 21.89 27.65 8.11
C GLN A 136 21.92 27.16 9.55
N THR A 137 21.20 27.82 10.45
CA THR A 137 21.06 27.35 11.82
C THR A 137 20.22 26.07 11.85
N GLN A 138 20.40 25.29 12.92
CA GLN A 138 19.51 24.17 13.15
C GLN A 138 18.09 24.62 13.43
N ALA A 139 17.94 25.80 14.03
CA ALA A 139 16.60 26.34 14.29
C ALA A 139 15.80 26.46 13.00
N ALA A 140 16.42 26.97 11.94
CA ALA A 140 15.71 27.13 10.68
C ALA A 140 15.29 25.79 10.10
N ALA A 141 16.18 24.79 10.16
CA ALA A 141 15.84 23.47 9.65
C ALA A 141 14.65 22.88 10.39
N GLY A 142 14.66 22.98 11.72
CA GLY A 142 13.55 22.47 12.50
C GLY A 142 12.24 23.15 12.17
N VAL A 143 12.25 24.48 12.15
CA VAL A 143 11.03 25.23 11.85
C VAL A 143 10.47 24.79 10.51
N GLU A 144 11.34 24.62 9.51
CA GLU A 144 10.88 24.16 8.21
C GLU A 144 10.24 22.78 8.31
N ALA A 145 10.88 21.86 9.05
CA ALA A 145 10.33 20.52 9.20
C ALA A 145 8.98 20.55 9.91
N MET A 146 8.88 21.31 10.99
CA MET A 146 7.61 21.45 11.69
C MET A 146 6.54 22.02 10.78
N LYS A 147 6.88 23.07 10.02
CA LYS A 147 5.94 23.67 9.08
C LYS A 147 5.32 22.60 8.18
N ALA A 148 6.13 21.66 7.70
CA ALA A 148 5.63 20.64 6.79
C ALA A 148 4.63 19.70 7.46
N ALA A 149 4.73 19.54 8.78
CA ALA A 149 3.98 18.50 9.47
C ALA A 149 2.66 18.95 10.07
N VAL A 150 2.47 20.25 10.31
CA VAL A 150 1.33 20.73 11.08
C VAL A 150 0.27 21.32 10.17
N ASP A 151 -0.95 21.41 10.69
CA ASP A 151 -2.00 22.18 10.04
C ASP A 151 -1.64 23.65 10.01
N THR A 152 -1.30 24.22 11.17
CA THR A 152 -0.97 25.63 11.29
C THR A 152 0.25 25.79 12.18
N LEU A 153 1.25 26.50 11.67
CA LEU A 153 2.39 26.93 12.47
C LEU A 153 2.09 28.32 13.04
N ILE A 154 2.32 28.48 14.35
CA ILE A 154 2.14 29.76 15.02
C ILE A 154 3.46 30.16 15.65
N VAL A 155 3.86 31.41 15.44
CA VAL A 155 5.06 31.97 16.03
C VAL A 155 4.63 32.94 17.13
N ILE A 156 5.24 32.83 18.30
CA ILE A 156 4.78 33.56 19.48
C ILE A 156 5.99 33.84 20.37
N PRO A 157 6.08 35.01 21.00
CA PRO A 157 7.23 35.28 21.89
C PRO A 157 7.31 34.26 23.00
N ASN A 158 8.55 33.97 23.42
CA ASN A 158 8.78 32.99 24.48
C ASN A 158 8.12 33.42 25.78
N ASP A 159 8.05 34.72 26.04
CA ASP A 159 7.46 35.21 27.29
C ASP A 159 5.93 35.29 27.24
N ARG A 160 5.33 35.17 26.06
CA ARG A 160 3.87 35.08 25.92
C ARG A 160 3.42 33.65 25.67
N LEU A 161 4.22 32.65 26.06
CA LEU A 161 3.89 31.26 25.78
C LEU A 161 2.64 30.83 26.53
N LEU A 162 2.51 31.23 27.80
CA LEU A 162 1.37 30.80 28.60
C LEU A 162 0.03 31.24 28.02
N ASP A 163 0.03 32.16 27.05
CA ASP A 163 -1.22 32.61 26.45
C ASP A 163 -1.95 31.47 25.75
N ILE A 164 -1.22 30.56 25.11
CA ILE A 164 -1.87 29.53 24.30
C ILE A 164 -2.67 28.59 25.18
N VAL A 165 -2.29 28.43 26.45
CA VAL A 165 -3.07 27.64 27.39
C VAL A 165 -4.06 28.51 28.14
N ASP A 166 -3.65 29.71 28.56
CA ASP A 166 -4.54 30.59 29.28
C ASP A 166 -5.74 30.98 28.43
N LYS A 167 -5.52 31.23 27.15
CA LYS A 167 -6.56 31.66 26.22
C LYS A 167 -6.82 30.58 25.19
N SER A 168 -6.89 29.33 25.65
CA SER A 168 -6.97 28.18 24.76
C SER A 168 -8.24 28.20 23.92
N THR A 169 -9.38 28.49 24.54
CA THR A 169 -10.64 28.44 23.79
C THR A 169 -10.69 29.48 22.67
N PRO A 170 -10.32 30.75 22.89
CA PRO A 170 -10.25 31.66 21.74
C PRO A 170 -9.23 31.24 20.71
N MET A 171 -8.05 30.78 21.14
CA MET A 171 -7.03 30.36 20.19
C MET A 171 -7.53 29.24 19.29
N MET A 172 -8.28 28.30 19.86
CA MET A 172 -8.79 27.20 19.05
C MET A 172 -9.77 27.71 18.00
N GLU A 173 -10.49 28.79 18.28
CA GLU A 173 -11.36 29.39 17.27
C GLU A 173 -10.52 30.00 16.14
N ALA A 174 -9.40 30.62 16.48
CA ALA A 174 -8.54 31.21 15.45
C ALA A 174 -7.94 30.13 14.55
N PHE A 175 -7.46 29.03 15.14
CA PHE A 175 -6.86 27.96 14.34
C PHE A 175 -7.91 27.26 13.48
N LYS A 176 -9.14 27.12 13.99
CA LYS A 176 -10.21 26.59 13.16
C LYS A 176 -10.53 27.50 11.99
N GLU A 177 -10.39 28.82 12.19
CA GLU A 177 -10.57 29.76 11.09
C GLU A 177 -9.51 29.56 10.03
N ALA A 178 -8.24 29.44 10.46
CA ALA A 178 -7.17 29.18 9.50
C ALA A 178 -7.38 27.87 8.77
N ASP A 179 -7.90 26.86 9.47
CA ASP A 179 -8.18 25.57 8.83
C ASP A 179 -9.22 25.71 7.73
N ASN A 180 -10.31 26.45 8.00
CA ASN A 180 -11.35 26.63 7.01
C ASN A 180 -10.89 27.52 5.85
N VAL A 181 -9.98 28.47 6.12
CA VAL A 181 -9.45 29.30 5.05
C VAL A 181 -8.62 28.46 4.09
N LEU A 182 -7.78 27.58 4.63
CA LEU A 182 -6.96 26.72 3.77
C LEU A 182 -7.85 25.76 2.97
N ARG A 183 -8.80 25.11 3.63
CA ARG A 183 -9.62 24.10 2.97
C ARG A 183 -10.29 24.66 1.72
N GLN A 184 -10.90 25.84 1.83
CA GLN A 184 -11.65 26.42 0.73
C GLN A 184 -10.79 27.31 -0.16
N GLY A 185 -9.52 27.51 0.16
CA GLY A 185 -8.69 28.40 -0.62
C GLY A 185 -9.26 29.80 -0.74
N VAL A 186 -9.76 30.36 0.37
CA VAL A 186 -10.37 31.67 0.34
C VAL A 186 -9.36 32.70 -0.17
N GLN A 187 -9.77 33.49 -1.16
CA GLN A 187 -8.88 34.45 -1.81
C GLN A 187 -7.57 33.80 -2.26
N GLY A 188 -7.65 32.53 -2.66
CA GLY A 188 -6.51 31.84 -3.23
C GLY A 188 -5.42 31.47 -2.25
N ILE A 189 -5.71 31.49 -0.95
CA ILE A 189 -4.70 31.19 0.06
C ILE A 189 -4.45 29.69 0.09
N SER A 190 -3.18 29.29 0.13
CA SER A 190 -2.79 27.89 0.20
C SER A 190 -1.74 27.61 1.27
N ASP A 191 -1.25 28.64 1.96
CA ASP A 191 -0.22 28.47 2.97
C ASP A 191 -0.38 29.59 3.99
N LEU A 192 -0.32 29.25 5.27
CA LEU A 192 -0.63 30.22 6.31
C LEU A 192 0.24 30.00 7.54
N ILE A 193 0.83 31.08 8.04
CA ILE A 193 1.52 31.11 9.31
C ILE A 193 0.79 32.08 10.22
N ALA A 194 0.67 31.72 11.50
CA ALA A 194 -0.03 32.53 12.48
C ALA A 194 0.94 33.24 13.40
N VAL A 195 0.54 34.41 13.89
CA VAL A 195 1.38 35.25 14.73
C VAL A 195 0.56 35.74 15.91
N SER A 196 1.19 35.78 17.09
CA SER A 196 0.58 36.30 18.30
C SER A 196 1.66 37.00 19.12
N GLY A 197 1.39 38.25 19.48
CA GLY A 197 2.34 39.00 20.29
C GLY A 197 3.35 39.76 19.45
N GLU A 198 4.39 40.24 20.14
CA GLU A 198 5.42 41.08 19.53
C GLU A 198 6.51 40.19 18.93
N VAL A 199 6.14 39.50 17.85
CA VAL A 199 7.08 38.66 17.12
C VAL A 199 7.95 39.55 16.24
N ASN A 200 9.26 39.52 16.49
CA ASN A 200 10.21 40.33 15.74
C ASN A 200 10.61 39.57 14.48
N LEU A 201 9.83 39.76 13.42
CA LEU A 201 10.14 39.17 12.12
C LEU A 201 9.50 40.00 11.03
N ASP A 202 10.00 39.81 9.81
CA ASP A 202 9.39 40.38 8.62
C ASP A 202 9.12 39.26 7.63
N PHE A 203 8.34 39.57 6.59
CA PHE A 203 7.93 38.55 5.63
C PHE A 203 9.14 37.87 5.00
N ALA A 204 10.27 38.57 4.88
CA ALA A 204 11.46 37.98 4.29
C ALA A 204 11.98 36.82 5.13
N ASP A 205 11.95 36.96 6.47
CA ASP A 205 12.43 35.90 7.34
C ASP A 205 11.66 34.61 7.14
N VAL A 206 10.39 34.69 6.76
CA VAL A 206 9.55 33.51 6.59
C VAL A 206 9.19 33.23 5.14
N LYS A 207 9.53 34.13 4.21
CA LYS A 207 9.18 33.95 2.81
C LYS A 207 9.70 32.62 2.28
N THR A 208 10.92 32.24 2.70
CA THR A 208 11.54 31.02 2.19
C THR A 208 10.64 29.81 2.37
N ILE A 209 10.04 29.66 3.55
CA ILE A 209 9.38 28.41 3.93
C ILE A 209 7.87 28.47 3.67
N MET A 210 7.41 29.41 2.85
CA MET A 210 6.00 29.48 2.48
C MET A 210 5.88 29.39 0.97
N SER A 211 4.73 28.89 0.52
CA SER A 211 4.48 28.74 -0.91
C SER A 211 4.66 30.09 -1.61
N ASN A 212 5.15 30.03 -2.86
CA ASN A 212 5.45 31.26 -3.59
C ASN A 212 4.19 32.01 -4.01
N GLN A 213 3.06 31.32 -4.13
CA GLN A 213 1.78 31.97 -4.35
C GLN A 213 0.76 31.38 -3.38
N GLY A 214 -0.07 32.24 -2.80
CA GLY A 214 -1.07 31.81 -1.86
C GLY A 214 -0.66 31.91 -0.40
N SER A 215 0.44 32.57 -0.11
CA SER A 215 0.90 32.67 1.27
C SER A 215 0.12 33.74 2.02
N ALA A 216 -0.07 33.51 3.32
CA ALA A 216 -0.84 34.41 4.14
C ALA A 216 -0.25 34.43 5.55
N LEU A 217 -0.44 35.56 6.23
CA LEU A 217 -0.05 35.72 7.62
C LEU A 217 -1.27 36.09 8.44
N MET A 218 -1.50 35.35 9.52
CA MET A 218 -2.67 35.56 10.38
C MET A 218 -2.20 36.08 11.73
N GLY A 219 -2.65 37.29 12.08
CA GLY A 219 -2.43 37.81 13.41
C GLY A 219 -3.61 37.48 14.31
N ILE A 220 -3.33 37.18 15.57
CA ILE A 220 -4.35 36.76 16.52
C ILE A 220 -4.29 37.70 17.72
N GLY A 221 -5.44 38.31 18.04
CA GLY A 221 -5.55 39.14 19.22
C GLY A 221 -6.69 38.66 20.11
N VAL A 222 -6.40 38.50 21.40
CA VAL A 222 -7.38 38.00 22.36
C VAL A 222 -7.42 38.94 23.55
N SER A 223 -8.62 39.22 24.04
CA SER A 223 -8.79 40.12 25.18
C SER A 223 -10.15 39.90 25.80
N SER A 224 -10.29 40.41 27.02
CA SER A 224 -11.55 40.37 27.75
C SER A 224 -11.65 41.62 28.60
N GLY A 225 -12.79 41.80 29.26
CA GLY A 225 -12.97 42.91 30.16
C GLY A 225 -13.19 44.22 29.43
N GLU A 226 -12.73 45.31 30.05
CA GLU A 226 -12.98 46.65 29.53
C GLU A 226 -12.18 46.90 28.25
N ASN A 227 -12.82 47.56 27.29
CA ASN A 227 -12.19 47.87 26.00
C ASN A 227 -11.59 46.62 25.38
N ARG A 228 -12.34 45.52 25.44
CA ARG A 228 -11.83 44.24 24.95
C ARG A 228 -11.73 44.22 23.43
N ALA A 229 -12.73 44.78 22.73
CA ALA A 229 -12.73 44.74 21.28
C ALA A 229 -11.58 45.58 20.70
N VAL A 230 -11.35 46.75 21.27
CA VAL A 230 -10.27 47.61 20.79
C VAL A 230 -8.91 46.95 21.00
N GLU A 231 -8.70 46.36 22.18
CA GLU A 231 -7.41 45.75 22.48
C GLU A 231 -7.20 44.49 21.65
N ALA A 232 -8.23 43.65 21.51
CA ALA A 232 -8.09 42.43 20.72
C ALA A 232 -7.74 42.75 19.28
N ALA A 233 -8.40 43.75 18.69
CA ALA A 233 -8.14 44.09 17.29
C ALA A 233 -6.75 44.67 17.12
N LYS A 234 -6.28 45.46 18.10
CA LYS A 234 -4.96 46.08 17.97
C LYS A 234 -3.84 45.07 18.18
N LYS A 235 -4.01 44.15 19.13
CA LYS A 235 -3.03 43.08 19.30
C LYS A 235 -2.93 42.21 18.05
N ALA A 236 -4.04 42.02 17.33
CA ALA A 236 -4.03 41.20 16.13
C ALA A 236 -3.16 41.81 15.03
N ILE A 237 -2.95 43.12 15.04
CA ILE A 237 -2.18 43.81 14.02
C ILE A 237 -0.93 44.47 14.60
N SER A 238 -0.64 44.25 15.88
CA SER A 238 0.47 44.93 16.53
C SER A 238 1.80 44.22 16.35
N SER A 239 1.82 43.01 15.79
CA SER A 239 3.09 42.33 15.59
C SER A 239 3.87 42.98 14.46
N PRO A 240 5.18 43.17 14.61
CA PRO A 240 5.98 43.69 13.49
C PRO A 240 5.73 42.97 12.18
N LEU A 241 5.41 41.67 12.23
CA LEU A 241 5.18 40.92 10.99
C LEU A 241 3.87 41.34 10.33
N LEU A 242 2.82 41.58 11.13
CA LEU A 242 1.56 42.03 10.56
C LEU A 242 1.59 43.51 10.16
N GLU A 243 2.35 44.33 10.88
CA GLU A 243 2.37 45.76 10.57
C GLU A 243 2.91 46.02 9.17
N THR A 244 3.97 45.32 8.78
CA THR A 244 4.53 45.50 7.44
C THR A 244 3.73 44.73 6.39
N SER A 245 3.30 43.51 6.73
CA SER A 245 2.55 42.71 5.76
C SER A 245 1.19 43.32 5.46
N ILE A 246 0.51 43.85 6.49
CA ILE A 246 -0.81 44.43 6.28
C ILE A 246 -0.73 45.60 5.31
N VAL A 247 0.37 46.35 5.35
CA VAL A 247 0.62 47.40 4.35
C VAL A 247 1.10 46.74 3.07
N GLY A 248 0.48 47.10 1.95
CA GLY A 248 0.72 46.45 0.69
C GLY A 248 -0.13 45.22 0.45
N ALA A 249 -0.76 44.69 1.49
CA ALA A 249 -1.57 43.48 1.33
C ALA A 249 -2.73 43.72 0.40
N GLN A 250 -2.80 42.93 -0.68
CA GLN A 250 -3.91 43.04 -1.62
C GLN A 250 -5.21 42.51 -1.03
N GLY A 251 -5.12 41.61 -0.05
CA GLY A 251 -6.31 41.03 0.54
C GLY A 251 -6.17 40.92 2.04
N VAL A 252 -7.31 41.04 2.73
CA VAL A 252 -7.35 40.93 4.18
C VAL A 252 -8.65 40.25 4.61
N LEU A 253 -8.54 39.11 5.27
CA LEU A 253 -9.68 38.42 5.87
C LEU A 253 -9.72 38.78 7.35
N MET A 254 -10.84 39.35 7.79
CA MET A 254 -10.99 39.84 9.14
C MET A 254 -12.17 39.14 9.80
N ASN A 255 -11.95 38.61 11.00
CA ASN A 255 -13.01 37.95 11.75
C ASN A 255 -12.87 38.28 13.22
N ILE A 256 -13.99 38.61 13.85
CA ILE A 256 -14.08 38.80 15.29
C ILE A 256 -15.14 37.86 15.82
N THR A 257 -14.83 37.19 16.93
CA THR A 257 -15.71 36.21 17.53
C THR A 257 -15.80 36.47 19.02
N GLY A 258 -17.03 36.43 19.55
CA GLY A 258 -17.28 36.63 20.96
C GLY A 258 -18.51 35.88 21.39
N GLY A 259 -18.82 35.97 22.68
CA GLY A 259 -19.98 35.33 23.26
C GLY A 259 -21.25 36.12 23.00
N GLU A 260 -22.28 35.77 23.79
CA GLU A 260 -23.56 36.46 23.66
C GLU A 260 -23.42 37.96 23.88
N SER A 261 -22.43 38.39 24.66
CA SER A 261 -22.27 39.78 25.00
C SER A 261 -21.62 40.61 23.89
N LEU A 262 -21.24 40.00 22.77
CA LEU A 262 -20.63 40.74 21.69
C LEU A 262 -21.68 41.63 21.02
N SER A 263 -21.46 42.93 21.08
CA SER A 263 -22.38 43.89 20.47
C SER A 263 -21.93 44.23 19.05
N LEU A 264 -22.86 44.80 18.28
CA LEU A 264 -22.51 45.33 16.96
C LEU A 264 -21.54 46.50 17.08
N PHE A 265 -21.53 47.20 18.21
CA PHE A 265 -20.57 48.28 18.42
C PHE A 265 -19.16 47.72 18.49
N GLU A 266 -18.95 46.66 19.26
CA GLU A 266 -17.64 46.06 19.37
C GLU A 266 -17.18 45.51 18.02
N ALA A 267 -18.09 44.89 17.26
CA ALA A 267 -17.72 44.32 15.98
C ALA A 267 -17.35 45.39 14.97
N GLN A 268 -18.13 46.47 14.92
CA GLN A 268 -17.86 47.54 13.96
C GLN A 268 -16.56 48.27 14.30
N GLU A 269 -16.29 48.45 15.61
CA GLU A 269 -15.06 49.12 16.02
C GLU A 269 -13.83 48.30 15.63
N ALA A 270 -13.88 46.99 15.89
CA ALA A 270 -12.75 46.13 15.51
C ALA A 270 -12.50 46.19 14.01
N ALA A 271 -13.58 46.12 13.21
CA ALA A 271 -13.42 46.19 11.77
C ALA A 271 -12.81 47.52 11.35
N ASP A 272 -13.23 48.62 11.98
CA ASP A 272 -12.68 49.92 11.63
C ASP A 272 -11.18 50.01 11.90
N ILE A 273 -10.76 49.52 13.07
CA ILE A 273 -9.34 49.54 13.41
C ILE A 273 -8.52 48.80 12.36
N VAL A 274 -9.02 47.64 11.91
CA VAL A 274 -8.28 46.86 10.93
C VAL A 274 -8.35 47.52 9.55
N GLN A 275 -9.51 48.08 9.20
CA GLN A 275 -9.65 48.73 7.90
C GLN A 275 -8.73 49.93 7.78
N ASP A 276 -8.64 50.74 8.83
CA ASP A 276 -7.79 51.93 8.78
C ASP A 276 -6.31 51.57 8.69
N ALA A 277 -5.91 50.46 9.31
CA ALA A 277 -4.53 50.01 9.20
C ALA A 277 -4.23 49.45 7.80
N ALA A 278 -5.22 48.81 7.17
CA ALA A 278 -5.02 48.16 5.89
C ALA A 278 -4.95 49.19 4.77
N ASP A 279 -4.49 48.73 3.61
CA ASP A 279 -4.40 49.60 2.44
C ASP A 279 -5.77 50.11 2.05
N GLU A 280 -5.77 51.17 1.24
CA GLU A 280 -7.02 51.80 0.84
C GLU A 280 -7.76 50.98 -0.20
N ASP A 281 -7.03 50.35 -1.12
CA ASP A 281 -7.61 49.55 -2.18
C ASP A 281 -7.76 48.08 -1.81
N VAL A 282 -7.59 47.73 -0.53
CA VAL A 282 -7.55 46.34 -0.12
C VAL A 282 -8.90 45.69 -0.33
N ASN A 283 -8.90 44.43 -0.77
CA ASN A 283 -10.10 43.62 -0.84
C ASN A 283 -10.28 42.94 0.52
N MET A 284 -11.27 43.38 1.28
CA MET A 284 -11.45 42.96 2.66
C MET A 284 -12.73 42.16 2.82
N ILE A 285 -12.63 41.08 3.60
CA ILE A 285 -13.79 40.27 3.97
C ILE A 285 -13.94 40.37 5.48
N PHE A 286 -15.09 40.86 5.93
CA PHE A 286 -15.35 41.09 7.34
C PHE A 286 -16.29 40.02 7.86
N GLY A 287 -15.94 39.43 8.99
CA GLY A 287 -16.76 38.40 9.61
C GLY A 287 -17.00 38.67 11.07
N THR A 288 -18.22 38.37 11.52
CA THR A 288 -18.59 38.51 12.91
C THR A 288 -19.36 37.26 13.33
N VAL A 289 -19.01 36.70 14.48
CA VAL A 289 -19.59 35.44 14.92
C VAL A 289 -19.95 35.55 16.40
N ILE A 290 -21.20 35.23 16.73
CA ILE A 290 -21.65 35.15 18.11
C ILE A 290 -21.57 33.68 18.51
N ASN A 291 -20.64 33.35 19.42
CA ASN A 291 -20.42 31.98 19.86
C ASN A 291 -20.40 31.95 21.38
N PRO A 292 -21.47 31.47 22.02
CA PRO A 292 -21.52 31.50 23.49
C PRO A 292 -20.29 30.93 24.18
N GLU A 293 -19.67 29.88 23.62
CA GLU A 293 -18.56 29.21 24.32
C GLU A 293 -17.44 30.17 24.71
N LEU A 294 -17.34 31.33 24.07
CA LEU A 294 -16.27 32.27 24.37
C LEU A 294 -16.48 33.03 25.68
N GLN A 295 -17.68 32.98 26.26
CA GLN A 295 -17.98 33.65 27.53
C GLN A 295 -17.67 35.14 27.35
N ASP A 296 -16.77 35.73 28.12
CA ASP A 296 -16.45 37.14 28.03
C ASP A 296 -15.18 37.42 27.24
N GLU A 297 -14.65 36.42 26.56
CA GLU A 297 -13.43 36.58 25.77
C GLU A 297 -13.78 37.03 24.35
N ILE A 298 -12.88 37.82 23.77
CA ILE A 298 -12.96 38.21 22.36
C ILE A 298 -11.68 37.74 21.67
N VAL A 299 -11.82 37.25 20.44
CA VAL A 299 -10.67 36.91 19.62
C VAL A 299 -10.87 37.53 18.24
N VAL A 300 -9.85 38.24 17.77
CA VAL A 300 -9.83 38.81 16.44
C VAL A 300 -8.71 38.15 15.66
N THR A 301 -9.01 37.70 14.44
CA THR A 301 -8.02 37.22 13.51
C THR A 301 -7.99 38.14 12.29
N VAL A 302 -6.79 38.49 11.85
CA VAL A 302 -6.57 39.30 10.66
C VAL A 302 -5.59 38.55 9.77
N ILE A 303 -6.07 38.11 8.62
CA ILE A 303 -5.26 37.33 7.68
C ILE A 303 -4.91 38.23 6.50
N ALA A 304 -3.61 38.50 6.33
CA ALA A 304 -3.12 39.30 5.23
C ALA A 304 -2.56 38.38 4.15
N THR A 305 -2.93 38.66 2.90
CA THR A 305 -2.46 37.87 1.77
C THR A 305 -2.26 38.81 0.57
N GLY A 306 -1.76 38.25 -0.53
CA GLY A 306 -1.53 39.02 -1.73
C GLY A 306 -0.47 40.09 -1.54
N PHE A 307 0.76 39.66 -1.27
CA PHE A 307 1.86 40.61 -1.09
C PHE A 307 2.56 40.89 -2.41
N ALA B 4 -14.84 31.19 -10.51
CA ALA B 4 -15.49 30.04 -9.88
C ALA B 4 -16.09 29.12 -10.94
N THR B 5 -15.27 28.22 -11.48
CA THR B 5 -15.74 27.30 -12.51
C THR B 5 -16.65 26.25 -11.89
N LEU B 6 -17.75 25.96 -12.61
CA LEU B 6 -18.71 24.95 -12.20
C LEU B 6 -18.88 23.93 -13.32
N LYS B 7 -18.96 22.66 -12.94
CA LYS B 7 -19.26 21.58 -13.87
C LYS B 7 -20.43 20.79 -13.32
N VAL B 8 -21.49 20.67 -14.11
CA VAL B 8 -22.70 19.93 -13.72
C VAL B 8 -22.67 18.59 -14.46
N ILE B 9 -22.65 17.51 -13.71
CA ILE B 9 -22.46 16.17 -14.26
C ILE B 9 -23.77 15.40 -14.11
N GLY B 10 -24.39 15.07 -15.24
CA GLY B 10 -25.55 14.21 -15.23
C GLY B 10 -25.14 12.76 -15.41
N VAL B 11 -25.43 11.93 -14.41
CA VAL B 11 -25.03 10.52 -14.41
C VAL B 11 -26.27 9.67 -14.60
N GLY B 12 -26.25 8.82 -15.62
CA GLY B 12 -27.36 7.95 -15.92
C GLY B 12 -28.49 8.66 -16.63
N GLY B 13 -29.47 7.87 -17.05
CA GLY B 13 -30.63 8.43 -17.74
C GLY B 13 -31.28 9.58 -16.99
N GLY B 14 -31.54 9.38 -15.70
CA GLY B 14 -32.20 10.43 -14.93
C GLY B 14 -31.41 11.73 -14.91
N GLY B 15 -30.11 11.63 -14.61
CA GLY B 15 -29.28 12.83 -14.59
C GLY B 15 -29.11 13.45 -15.96
N ASN B 16 -28.96 12.61 -17.00
CA ASN B 16 -28.79 13.12 -18.35
C ASN B 16 -30.04 13.86 -18.84
N ASN B 17 -31.21 13.55 -18.29
CA ASN B 17 -32.41 14.30 -18.65
C ASN B 17 -32.47 15.65 -17.94
N ALA B 18 -31.86 15.75 -16.76
CA ALA B 18 -31.79 17.02 -16.06
C ALA B 18 -30.85 17.99 -16.77
N VAL B 19 -29.66 17.51 -17.16
CA VAL B 19 -28.71 18.37 -17.86
C VAL B 19 -29.22 18.73 -19.25
N ASN B 20 -30.07 17.88 -19.84
CA ASN B 20 -30.72 18.24 -21.09
C ASN B 20 -31.63 19.45 -20.90
N ARG B 21 -32.31 19.52 -19.75
CA ARG B 21 -33.19 20.65 -19.48
C ARG B 21 -32.39 21.92 -19.20
N MET B 22 -31.22 21.80 -18.58
CA MET B 22 -30.37 22.94 -18.31
C MET B 22 -29.58 23.40 -19.53
N ILE B 23 -29.72 22.71 -20.66
CA ILE B 23 -29.03 23.10 -21.89
C ILE B 23 -27.53 22.84 -21.72
N ASN B 28 -23.95 30.34 -19.03
CA ASN B 28 -23.09 31.07 -18.11
C ASN B 28 -21.64 30.54 -18.22
N ASN B 29 -20.96 30.44 -17.09
CA ASN B 29 -19.60 29.90 -17.02
C ASN B 29 -19.61 28.42 -16.64
N VAL B 30 -20.62 27.68 -17.07
CA VAL B 30 -20.85 26.31 -16.62
C VAL B 30 -20.57 25.35 -17.77
N GLU B 31 -20.10 24.16 -17.40
CA GLU B 31 -19.95 23.04 -18.33
C GLU B 31 -20.86 21.90 -17.89
N PHE B 32 -21.56 21.31 -18.85
CA PHE B 32 -22.43 20.18 -18.59
C PHE B 32 -21.79 18.92 -19.14
N ILE B 33 -21.70 17.88 -18.31
CA ILE B 33 -21.12 16.60 -18.69
C ILE B 33 -22.21 15.54 -18.60
N ALA B 34 -22.24 14.66 -19.61
CA ALA B 34 -23.17 13.54 -19.66
C ALA B 34 -22.38 12.25 -19.49
N ILE B 35 -22.76 11.45 -18.49
CA ILE B 35 -22.11 10.17 -18.22
C ILE B 35 -23.20 9.10 -18.17
N ASN B 36 -22.96 8.00 -18.90
CA ASN B 36 -23.92 6.91 -18.92
C ASN B 36 -23.22 5.64 -19.38
N THR B 37 -23.72 4.50 -18.89
CA THR B 37 -23.27 3.21 -19.38
C THR B 37 -23.86 2.86 -20.73
N ASP B 38 -24.97 3.49 -21.10
CA ASP B 38 -25.66 3.21 -22.37
C ASP B 38 -25.20 4.23 -23.41
N GLY B 39 -24.46 3.76 -24.40
CA GLY B 39 -23.94 4.66 -25.41
C GLY B 39 -25.02 5.24 -26.30
N GLN B 40 -26.04 4.45 -26.62
CA GLN B 40 -27.14 4.96 -27.43
C GLN B 40 -27.83 6.13 -26.75
N ALA B 41 -28.12 5.98 -25.45
CA ALA B 41 -28.77 7.07 -24.72
C ALA B 41 -27.93 8.33 -24.71
N LEU B 42 -26.60 8.20 -24.84
CA LEU B 42 -25.73 9.36 -24.84
C LEU B 42 -25.86 10.18 -26.12
N ASN B 43 -26.10 9.51 -27.25
CA ASN B 43 -26.30 10.23 -28.51
C ASN B 43 -27.42 11.26 -28.38
N LEU B 44 -28.44 10.96 -27.60
CA LEU B 44 -29.59 11.83 -27.42
C LEU B 44 -29.40 12.84 -26.30
N SER B 45 -28.18 12.98 -25.77
CA SER B 45 -27.89 13.96 -24.74
C SER B 45 -27.38 15.25 -25.38
N LYS B 46 -27.74 16.39 -24.79
CA LYS B 46 -27.39 17.68 -25.34
C LYS B 46 -26.13 18.27 -24.74
N ALA B 47 -25.59 17.67 -23.67
CA ALA B 47 -24.38 18.17 -23.06
C ALA B 47 -23.24 18.20 -24.07
N GLU B 48 -22.33 19.16 -23.90
CA GLU B 48 -21.19 19.28 -24.82
C GLU B 48 -20.17 18.17 -24.58
N SER B 49 -20.03 17.71 -23.35
CA SER B 49 -19.10 16.64 -23.01
C SER B 49 -19.88 15.37 -22.69
N LYS B 50 -19.53 14.27 -23.36
CA LYS B 50 -20.21 13.00 -23.20
C LYS B 50 -19.18 11.91 -22.95
N ILE B 51 -19.45 11.06 -21.96
CA ILE B 51 -18.54 9.98 -21.60
C ILE B 51 -19.36 8.70 -21.46
N GLN B 52 -19.02 7.69 -22.23
CA GLN B 52 -19.55 6.34 -22.04
C GLN B 52 -18.62 5.59 -21.10
N ILE B 53 -19.14 5.17 -19.95
CA ILE B 53 -18.34 4.51 -18.93
C ILE B 53 -18.57 3.00 -19.00
N GLY B 54 -17.51 2.23 -18.74
CA GLY B 54 -17.63 0.79 -18.66
C GLY B 54 -17.91 0.10 -19.97
N GLU B 55 -17.23 0.51 -21.04
CA GLU B 55 -17.49 -0.07 -22.36
C GLU B 55 -17.18 -1.57 -22.36
N LYS B 56 -16.05 -1.96 -21.77
CA LYS B 56 -15.71 -3.38 -21.71
C LYS B 56 -16.68 -4.15 -20.82
N LEU B 57 -17.05 -3.56 -19.68
CA LEU B 57 -17.90 -4.25 -18.71
C LEU B 57 -19.32 -4.47 -19.21
N THR B 58 -19.78 -3.69 -20.18
CA THR B 58 -21.17 -3.73 -20.62
C THR B 58 -21.36 -4.32 -22.01
N ARG B 59 -20.29 -4.82 -22.64
CA ARG B 59 -20.43 -5.50 -23.92
C ARG B 59 -21.46 -6.62 -23.81
N GLY B 60 -22.53 -6.51 -24.60
CA GLY B 60 -23.52 -7.56 -24.69
C GLY B 60 -24.60 -7.52 -23.63
N LEU B 61 -25.10 -6.33 -23.32
CA LEU B 61 -26.21 -6.19 -22.38
C LEU B 61 -26.79 -4.78 -22.42
N GLY B 64 -30.22 -4.17 -19.84
CA GLY B 64 -30.68 -4.10 -18.46
C GLY B 64 -30.00 -2.99 -17.68
N ALA B 65 -29.80 -3.22 -16.39
CA ALA B 65 -29.17 -2.24 -15.52
C ALA B 65 -28.92 -2.86 -14.16
N ASN B 66 -28.02 -2.24 -13.40
CA ASN B 66 -27.68 -2.66 -12.05
C ASN B 66 -26.75 -1.64 -11.42
N PRO B 67 -26.98 -1.23 -10.17
CA PRO B 67 -26.10 -0.20 -9.58
C PRO B 67 -24.64 -0.63 -9.48
N GLU B 68 -24.37 -1.90 -9.15
CA GLU B 68 -22.98 -2.34 -9.06
C GLU B 68 -22.30 -2.27 -10.42
N ILE B 69 -23.04 -2.56 -11.50
CA ILE B 69 -22.50 -2.35 -12.85
C ILE B 69 -22.09 -0.90 -13.03
N GLY B 70 -22.95 0.03 -12.64
CA GLY B 70 -22.62 1.43 -12.78
C GLY B 70 -21.39 1.84 -12.00
N LYS B 71 -21.27 1.34 -10.76
CA LYS B 71 -20.09 1.64 -9.96
C LYS B 71 -18.82 1.13 -10.64
N LYS B 72 -18.82 -0.12 -11.09
CA LYS B 72 -17.63 -0.67 -11.72
C LYS B 72 -17.43 -0.10 -13.11
N ALA B 73 -18.51 0.32 -13.78
CA ALA B 73 -18.36 0.97 -15.08
C ALA B 73 -17.64 2.31 -14.94
N ALA B 74 -17.92 3.06 -13.87
CA ALA B 74 -17.26 4.34 -13.69
C ALA B 74 -15.80 4.15 -13.25
N GLU B 75 -15.54 3.16 -12.40
CA GLU B 75 -14.16 2.85 -12.02
C GLU B 75 -13.33 2.49 -13.24
N GLU B 76 -13.90 1.70 -14.15
CA GLU B 76 -13.19 1.32 -15.37
C GLU B 76 -12.79 2.55 -16.18
N SER B 77 -13.67 3.55 -16.24
CA SER B 77 -13.44 4.77 -17.00
C SER B 77 -12.94 5.91 -16.12
N ARG B 78 -12.16 5.59 -15.08
CA ARG B 78 -11.73 6.59 -14.12
C ARG B 78 -10.96 7.73 -14.79
N GLU B 79 -9.96 7.37 -15.61
CA GLU B 79 -9.14 8.39 -16.26
C GLU B 79 -9.99 9.31 -17.11
N GLN B 80 -11.00 8.76 -17.78
CA GLN B 80 -11.87 9.58 -18.63
C GLN B 80 -12.65 10.59 -17.80
N ILE B 81 -13.15 10.17 -16.63
CA ILE B 81 -13.90 11.08 -15.78
C ILE B 81 -12.97 12.12 -15.17
N GLU B 82 -11.73 11.74 -14.87
CA GLU B 82 -10.76 12.70 -14.34
C GLU B 82 -10.50 13.81 -15.34
N ASP B 83 -10.21 13.45 -16.60
CA ASP B 83 -9.84 14.44 -17.60
C ASP B 83 -10.99 15.42 -17.85
N ALA B 84 -12.23 14.93 -17.85
CA ALA B 84 -13.36 15.81 -18.13
C ALA B 84 -13.63 16.76 -16.98
N ILE B 85 -13.26 16.38 -15.75
CA ILE B 85 -13.51 17.22 -14.59
C ILE B 85 -12.37 18.18 -14.30
N GLN B 86 -11.18 17.93 -14.84
CA GLN B 86 -10.00 18.72 -14.51
C GLN B 86 -10.28 20.22 -14.64
N GLY B 87 -9.96 20.96 -13.58
CA GLY B 87 -10.05 22.40 -13.58
C GLY B 87 -11.28 22.97 -12.91
N ALA B 88 -12.23 22.13 -12.51
CA ALA B 88 -13.45 22.62 -11.89
C ALA B 88 -13.23 22.97 -10.43
N ASP B 89 -13.79 24.09 -10.00
CA ASP B 89 -13.76 24.49 -8.60
C ASP B 89 -14.91 23.88 -7.81
N MET B 90 -16.04 23.65 -8.46
CA MET B 90 -17.21 23.05 -7.83
C MET B 90 -17.85 22.11 -8.85
N VAL B 91 -18.43 21.02 -8.34
CA VAL B 91 -19.08 20.03 -9.19
C VAL B 91 -20.43 19.69 -8.60
N PHE B 92 -21.47 19.75 -9.41
CA PHE B 92 -22.78 19.21 -9.07
C PHE B 92 -22.92 17.85 -9.75
N VAL B 93 -23.03 16.80 -8.96
CA VAL B 93 -23.26 15.45 -9.46
C VAL B 93 -24.72 15.11 -9.14
N THR B 94 -25.53 14.96 -10.17
CA THR B 94 -26.95 14.67 -10.03
C THR B 94 -27.29 13.40 -10.77
N SER B 95 -28.29 12.69 -10.28
CA SER B 95 -28.78 11.48 -10.92
C SER B 95 -30.13 11.12 -10.31
N GLY B 96 -31.02 10.58 -11.13
CA GLY B 96 -32.21 9.95 -10.62
C GLY B 96 -31.82 8.75 -9.77
N MET B 97 -31.91 8.89 -8.45
CA MET B 97 -31.54 7.80 -7.54
C MET B 97 -32.65 6.75 -7.59
N GLY B 98 -32.65 5.98 -8.68
CA GLY B 98 -33.74 5.08 -8.97
C GLY B 98 -33.37 3.62 -9.14
N GLY B 99 -32.15 3.25 -8.76
CA GLY B 99 -31.76 1.86 -8.71
C GLY B 99 -31.11 1.31 -9.97
N GLY B 100 -30.75 2.16 -10.93
CA GLY B 100 -30.04 1.74 -12.12
C GLY B 100 -28.55 2.00 -12.02
N THR B 101 -27.89 1.99 -13.18
CA THR B 101 -26.44 2.14 -13.20
C THR B 101 -26.01 3.50 -12.67
N GLY B 102 -26.66 4.57 -13.12
CA GLY B 102 -26.30 5.90 -12.65
C GLY B 102 -26.31 6.01 -11.14
N THR B 103 -27.21 5.29 -10.47
CA THR B 103 -27.24 5.30 -9.01
C THR B 103 -25.92 4.81 -8.44
N GLY B 104 -25.28 3.85 -9.11
CA GLY B 104 -24.02 3.30 -8.62
C GLY B 104 -22.81 4.04 -9.14
N ALA B 105 -22.93 4.64 -10.33
CA ALA B 105 -21.80 5.37 -10.90
C ALA B 105 -21.62 6.74 -10.27
N ALA B 106 -22.70 7.35 -9.81
CA ALA B 106 -22.66 8.74 -9.37
C ALA B 106 -21.82 8.90 -8.11
N PRO B 107 -21.89 7.98 -7.14
CA PRO B 107 -20.95 8.07 -6.01
C PRO B 107 -19.49 7.97 -6.43
N VAL B 108 -19.20 7.21 -7.48
CA VAL B 108 -17.83 7.13 -7.98
C VAL B 108 -17.41 8.46 -8.58
N VAL B 109 -18.27 9.04 -9.42
CA VAL B 109 -17.97 10.34 -10.03
C VAL B 109 -17.70 11.37 -8.95
N ALA B 110 -18.52 11.38 -7.90
CA ALA B 110 -18.29 12.32 -6.80
C ALA B 110 -16.95 12.08 -6.13
N LYS B 111 -16.62 10.81 -5.90
CA LYS B 111 -15.32 10.47 -5.32
C LYS B 111 -14.19 11.05 -6.17
N ILE B 112 -14.29 10.89 -7.50
CA ILE B 112 -13.25 11.37 -8.39
C ILE B 112 -13.20 12.89 -8.38
N ALA B 113 -14.36 13.56 -8.30
CA ALA B 113 -14.38 15.01 -8.28
C ALA B 113 -13.66 15.55 -7.06
N LYS B 114 -13.88 14.94 -5.90
CA LYS B 114 -13.17 15.36 -4.68
C LYS B 114 -11.66 15.23 -4.86
N GLU B 115 -11.21 14.04 -5.24
CA GLU B 115 -9.76 13.78 -5.34
C GLU B 115 -9.06 14.76 -6.26
N MET B 116 -9.77 15.38 -7.18
CA MET B 116 -9.20 16.41 -8.04
C MET B 116 -9.45 17.82 -7.51
N GLY B 117 -9.81 17.95 -6.24
CA GLY B 117 -9.80 19.22 -5.55
C GLY B 117 -11.05 20.06 -5.70
N ALA B 118 -12.12 19.54 -6.30
CA ALA B 118 -13.33 20.30 -6.52
C ALA B 118 -14.28 20.14 -5.34
N LEU B 119 -14.89 21.25 -4.92
CA LEU B 119 -15.98 21.18 -3.97
C LEU B 119 -17.11 20.36 -4.60
N THR B 120 -17.40 19.20 -4.02
CA THR B 120 -18.25 18.20 -4.66
C THR B 120 -19.61 18.15 -3.97
N VAL B 121 -20.65 18.53 -4.70
CA VAL B 121 -22.02 18.56 -4.19
C VAL B 121 -22.82 17.48 -4.89
N GLY B 122 -23.58 16.70 -4.11
CA GLY B 122 -24.50 15.74 -4.64
C GLY B 122 -25.91 16.29 -4.63
N VAL B 123 -26.54 16.31 -5.80
CA VAL B 123 -27.87 16.87 -5.96
C VAL B 123 -28.84 15.71 -6.19
N VAL B 124 -29.76 15.52 -5.25
CA VAL B 124 -30.76 14.45 -5.32
C VAL B 124 -32.09 15.08 -5.66
N THR B 125 -32.66 14.69 -6.81
CA THR B 125 -33.92 15.23 -7.29
C THR B 125 -35.12 14.36 -6.96
N ARG B 126 -35.01 13.05 -7.22
CA ARG B 126 -36.13 12.15 -7.01
C ARG B 126 -36.34 11.93 -5.51
N PRO B 127 -37.60 11.72 -5.07
CA PRO B 127 -37.85 11.51 -3.64
C PRO B 127 -37.41 10.13 -3.21
N PHE B 128 -37.59 9.81 -1.93
CA PHE B 128 -37.18 8.50 -1.40
C PHE B 128 -37.74 8.38 0.01
N SER B 129 -37.47 7.23 0.62
CA SER B 129 -37.96 6.96 1.98
C SER B 129 -37.12 5.88 2.65
N ALA B 139 -34.19 2.86 -3.78
CA ALA B 139 -34.13 4.25 -4.23
C ALA B 139 -33.41 5.11 -3.21
N ALA B 140 -33.65 4.83 -1.92
CA ALA B 140 -32.96 5.52 -0.84
C ALA B 140 -31.65 4.85 -0.47
N ALA B 141 -31.33 3.69 -1.06
CA ALA B 141 -30.08 3.03 -0.76
C ALA B 141 -28.90 3.79 -1.36
N GLY B 142 -29.00 4.14 -2.64
CA GLY B 142 -27.93 4.91 -3.27
C GLY B 142 -27.81 6.31 -2.72
N VAL B 143 -28.93 6.93 -2.32
CA VAL B 143 -28.88 8.23 -1.67
C VAL B 143 -27.89 8.18 -0.51
N GLU B 144 -27.90 7.09 0.25
CA GLU B 144 -26.91 6.90 1.31
C GLU B 144 -25.52 6.80 0.72
N ALA B 145 -25.37 6.09 -0.41
CA ALA B 145 -24.06 5.93 -1.03
C ALA B 145 -23.48 7.28 -1.43
N MET B 146 -24.28 8.13 -2.06
CA MET B 146 -23.79 9.43 -2.47
C MET B 146 -23.35 10.27 -1.28
N LYS B 147 -24.15 10.29 -0.22
CA LYS B 147 -23.84 11.12 0.94
C LYS B 147 -22.43 10.85 1.46
N ALA B 148 -22.03 9.57 1.46
CA ALA B 148 -20.68 9.22 1.92
C ALA B 148 -19.60 9.71 0.97
N ALA B 149 -19.93 9.94 -0.31
CA ALA B 149 -18.93 10.25 -1.30
C ALA B 149 -18.74 11.75 -1.53
N VAL B 150 -19.77 12.56 -1.31
CA VAL B 150 -19.72 13.97 -1.65
C VAL B 150 -19.26 14.77 -0.43
N ASP B 151 -18.84 16.01 -0.69
CA ASP B 151 -18.58 16.95 0.40
C ASP B 151 -19.87 17.38 1.08
N THR B 152 -20.89 17.69 0.28
CA THR B 152 -22.20 18.08 0.80
C THR B 152 -23.29 17.49 -0.08
N LEU B 153 -24.32 16.93 0.55
CA LEU B 153 -25.47 16.38 -0.15
C LEU B 153 -26.66 17.31 0.03
N ILE B 154 -27.32 17.63 -1.08
CA ILE B 154 -28.46 18.55 -1.06
C ILE B 154 -29.64 17.87 -1.76
N VAL B 155 -30.80 17.89 -1.10
CA VAL B 155 -32.05 17.43 -1.70
C VAL B 155 -32.84 18.66 -2.09
N ILE B 156 -33.18 18.76 -3.37
CA ILE B 156 -33.98 19.89 -3.86
C ILE B 156 -35.17 19.32 -4.63
N PRO B 157 -36.19 20.14 -4.85
CA PRO B 157 -37.26 19.74 -5.77
C PRO B 157 -36.77 19.75 -7.20
N ASN B 158 -37.28 18.81 -8.00
CA ASN B 158 -36.80 18.66 -9.37
C ASN B 158 -37.08 19.90 -10.21
N ASP B 159 -38.18 20.59 -9.94
CA ASP B 159 -38.52 21.77 -10.74
C ASP B 159 -37.53 22.91 -10.54
N ARG B 160 -36.74 22.88 -9.46
CA ARG B 160 -35.83 23.96 -9.12
C ARG B 160 -34.37 23.54 -9.27
N LEU B 161 -34.06 22.74 -10.29
CA LEU B 161 -32.68 22.35 -10.51
C LEU B 161 -31.87 23.51 -11.07
N LEU B 162 -32.33 24.11 -12.16
CA LEU B 162 -31.58 25.23 -12.74
C LEU B 162 -31.57 26.46 -11.84
N ASP B 163 -32.24 26.41 -10.69
CA ASP B 163 -32.12 27.47 -9.70
C ASP B 163 -30.79 27.40 -8.96
N ILE B 164 -30.30 26.19 -8.67
CA ILE B 164 -29.01 26.08 -8.01
C ILE B 164 -27.87 26.29 -9.01
N VAL B 165 -28.10 25.97 -10.30
CA VAL B 165 -27.11 26.29 -11.31
C VAL B 165 -27.01 27.80 -11.51
N ASP B 166 -28.16 28.46 -11.64
CA ASP B 166 -28.16 29.90 -11.86
C ASP B 166 -27.65 30.64 -10.63
N LYS B 167 -28.02 30.17 -9.43
CA LYS B 167 -27.51 30.74 -8.18
C LYS B 167 -26.30 29.97 -7.66
N SER B 168 -25.48 29.41 -8.56
CA SER B 168 -24.37 28.58 -8.14
C SER B 168 -23.36 29.35 -7.30
N THR B 169 -23.02 30.57 -7.72
CA THR B 169 -21.96 31.31 -7.04
C THR B 169 -22.34 31.65 -5.60
N PRO B 170 -23.53 32.18 -5.31
CA PRO B 170 -23.90 32.37 -3.89
C PRO B 170 -24.19 31.06 -3.17
N MET B 171 -24.73 30.06 -3.87
CA MET B 171 -24.90 28.76 -3.24
C MET B 171 -23.57 28.18 -2.79
N MET B 172 -22.48 28.51 -3.50
CA MET B 172 -21.16 28.04 -3.11
C MET B 172 -20.82 28.43 -1.67
N GLU B 173 -21.33 29.58 -1.22
CA GLU B 173 -21.08 29.99 0.16
C GLU B 173 -21.76 29.04 1.15
N ALA B 174 -22.91 28.48 0.78
CA ALA B 174 -23.57 27.52 1.67
C ALA B 174 -22.83 26.18 1.68
N PHE B 175 -22.41 25.71 0.51
CA PHE B 175 -21.72 24.42 0.44
C PHE B 175 -20.36 24.48 1.11
N LYS B 176 -19.67 25.62 1.00
CA LYS B 176 -18.45 25.80 1.77
C LYS B 176 -18.73 25.74 3.27
N GLU B 177 -19.83 26.36 3.70
CA GLU B 177 -20.20 26.33 5.12
C GLU B 177 -20.46 24.89 5.58
N ALA B 178 -21.27 24.15 4.83
CA ALA B 178 -21.55 22.76 5.19
C ALA B 178 -20.26 21.94 5.22
N ASP B 179 -19.42 22.07 4.19
CA ASP B 179 -18.18 21.32 4.13
C ASP B 179 -17.30 21.60 5.33
N ASN B 180 -17.20 22.87 5.73
CA ASN B 180 -16.37 23.23 6.88
C ASN B 180 -16.94 22.65 8.17
N VAL B 181 -18.25 22.78 8.37
CA VAL B 181 -18.87 22.30 9.60
C VAL B 181 -18.66 20.78 9.73
N LEU B 182 -18.89 20.05 8.64
CA LEU B 182 -18.85 18.59 8.70
C LEU B 182 -17.43 18.09 8.92
N ARG B 183 -16.46 18.63 8.16
CA ARG B 183 -15.09 18.13 8.25
C ARG B 183 -14.41 18.53 9.55
N GLN B 184 -14.86 19.59 10.21
CA GLN B 184 -14.30 19.99 11.49
C GLN B 184 -15.01 19.37 12.69
N GLY B 185 -16.23 18.87 12.51
CA GLY B 185 -16.97 18.32 13.62
C GLY B 185 -17.48 19.35 14.60
N VAL B 186 -17.84 20.54 14.12
CA VAL B 186 -18.38 21.57 14.99
C VAL B 186 -19.62 21.03 15.70
N GLN B 187 -19.72 21.32 17.00
CA GLN B 187 -20.85 20.88 17.82
C GLN B 187 -21.11 19.39 17.65
N GLY B 188 -20.04 18.61 17.47
CA GLY B 188 -20.16 17.18 17.35
C GLY B 188 -20.94 16.71 16.15
N ILE B 189 -20.92 17.47 15.05
CA ILE B 189 -21.63 17.08 13.84
C ILE B 189 -20.78 16.10 13.05
N SER B 190 -21.36 14.95 12.72
CA SER B 190 -20.68 13.90 11.97
C SER B 190 -21.38 13.57 10.65
N ASP B 191 -22.49 14.23 10.35
CA ASP B 191 -23.31 13.88 9.20
C ASP B 191 -24.27 15.02 8.94
N LEU B 192 -24.44 15.39 7.67
CA LEU B 192 -25.21 16.57 7.33
C LEU B 192 -25.90 16.38 5.98
N ILE B 193 -27.15 16.81 5.91
CA ILE B 193 -27.91 16.87 4.66
C ILE B 193 -28.44 18.29 4.51
N ALA B 194 -28.46 18.78 3.28
CA ALA B 194 -28.90 20.14 2.98
C ALA B 194 -30.17 20.10 2.16
N VAL B 195 -30.96 21.17 2.27
CA VAL B 195 -32.18 21.33 1.48
C VAL B 195 -32.30 22.79 1.07
N SER B 196 -32.86 23.02 -0.12
CA SER B 196 -33.22 24.35 -0.58
C SER B 196 -34.52 24.24 -1.35
N GLY B 197 -35.42 25.20 -1.13
CA GLY B 197 -36.77 25.11 -1.64
C GLY B 197 -37.64 24.29 -0.69
N GLU B 198 -38.88 24.07 -1.11
CA GLU B 198 -39.81 23.26 -0.32
C GLU B 198 -39.65 21.80 -0.72
N VAL B 199 -39.05 21.01 0.17
CA VAL B 199 -38.96 19.56 0.00
C VAL B 199 -40.08 18.92 0.82
N ASN B 200 -40.86 18.07 0.17
CA ASN B 200 -41.88 17.29 0.86
C ASN B 200 -41.24 16.00 1.39
N LEU B 201 -40.45 16.17 2.44
CA LEU B 201 -39.78 15.04 3.08
C LEU B 201 -39.95 15.13 4.59
N ASP B 202 -39.78 13.98 5.23
CA ASP B 202 -40.02 13.80 6.65
C ASP B 202 -38.70 13.69 7.41
N PHE B 203 -38.71 14.13 8.66
CA PHE B 203 -37.50 14.11 9.47
C PHE B 203 -37.09 12.69 9.85
N ALA B 204 -38.06 11.79 10.00
CA ALA B 204 -37.74 10.43 10.44
C ALA B 204 -36.89 9.69 9.41
N ASP B 205 -37.23 9.84 8.13
CA ASP B 205 -36.45 9.16 7.09
C ASP B 205 -35.01 9.63 7.08
N VAL B 206 -34.80 10.95 7.00
CA VAL B 206 -33.43 11.46 6.93
C VAL B 206 -32.59 11.00 8.11
N LYS B 207 -33.22 10.52 9.19
CA LYS B 207 -32.48 9.87 10.27
C LYS B 207 -32.02 8.47 9.87
N THR B 208 -32.88 7.73 9.16
CA THR B 208 -32.50 6.40 8.68
C THR B 208 -31.21 6.47 7.87
N ILE B 209 -31.08 7.50 7.03
CA ILE B 209 -29.92 7.63 6.16
C ILE B 209 -28.69 8.17 6.87
N MET B 210 -28.86 8.73 8.07
CA MET B 210 -27.80 9.48 8.72
C MET B 210 -27.41 8.87 10.06
N SER B 211 -26.21 9.22 10.50
CA SER B 211 -25.70 8.75 11.79
C SER B 211 -26.70 9.05 12.89
N ASN B 212 -26.77 8.16 13.88
CA ASN B 212 -27.63 8.39 15.03
C ASN B 212 -27.13 9.59 15.84
N GLN B 213 -25.84 9.62 16.14
CA GLN B 213 -25.23 10.72 16.87
C GLN B 213 -24.46 11.62 15.90
N GLY B 214 -24.59 12.93 16.09
CA GLY B 214 -23.92 13.89 15.25
C GLY B 214 -24.68 14.30 14.01
N SER B 215 -25.92 13.87 13.85
CA SER B 215 -26.71 14.23 12.68
C SER B 215 -26.99 15.73 12.67
N ALA B 216 -27.19 16.27 11.46
CA ALA B 216 -27.50 17.68 11.30
C ALA B 216 -28.24 17.88 9.99
N LEU B 217 -29.07 18.91 9.95
CA LEU B 217 -29.84 19.27 8.76
C LEU B 217 -29.63 20.76 8.48
N MET B 218 -29.45 21.10 7.20
CA MET B 218 -29.17 22.47 6.79
C MET B 218 -30.22 22.95 5.81
N GLY B 219 -30.82 24.10 6.11
CA GLY B 219 -31.64 24.82 5.15
C GLY B 219 -30.85 25.95 4.55
N ILE B 220 -31.16 26.28 3.30
CA ILE B 220 -30.43 27.29 2.55
C ILE B 220 -31.43 28.29 1.97
N GLY B 221 -31.22 29.57 2.25
CA GLY B 221 -32.03 30.63 1.69
C GLY B 221 -31.21 31.63 0.92
N VAL B 222 -31.66 31.99 -0.28
CA VAL B 222 -30.97 32.95 -1.14
C VAL B 222 -31.96 34.04 -1.54
N SER B 223 -31.68 35.28 -1.16
CA SER B 223 -32.50 36.42 -1.51
C SER B 223 -31.67 37.48 -2.22
N SER B 224 -32.26 38.10 -3.25
CA SER B 224 -31.64 39.21 -3.98
C SER B 224 -32.71 40.28 -4.20
N GLY B 225 -33.16 40.91 -3.12
CA GLY B 225 -34.20 41.92 -3.22
C GLY B 225 -34.29 42.83 -2.02
N ARG B 228 -33.66 42.20 2.44
CA ARG B 228 -33.72 40.89 1.81
C ARG B 228 -33.17 39.81 2.74
N ALA B 229 -32.39 40.22 3.74
CA ALA B 229 -31.84 39.27 4.70
C ALA B 229 -32.95 38.55 5.44
N VAL B 230 -33.95 39.29 5.91
CA VAL B 230 -35.10 38.67 6.57
C VAL B 230 -35.74 37.63 5.67
N GLU B 231 -35.85 37.93 4.38
CA GLU B 231 -36.52 37.02 3.45
C GLU B 231 -35.72 35.73 3.28
N ALA B 232 -34.41 35.84 3.09
CA ALA B 232 -33.58 34.65 2.90
C ALA B 232 -33.63 33.74 4.11
N ALA B 233 -33.55 34.32 5.32
CA ALA B 233 -33.58 33.51 6.53
C ALA B 233 -34.91 32.80 6.71
N LYS B 234 -35.99 33.32 6.12
CA LYS B 234 -37.28 32.65 6.21
C LYS B 234 -37.34 31.43 5.30
N LYS B 235 -36.81 31.56 4.08
CA LYS B 235 -36.70 30.39 3.20
C LYS B 235 -35.86 29.30 3.85
N ALA B 236 -34.74 29.69 4.48
CA ALA B 236 -33.84 28.70 5.05
C ALA B 236 -34.56 27.81 6.06
N ILE B 237 -35.55 28.33 6.76
CA ILE B 237 -36.31 27.56 7.73
C ILE B 237 -37.72 27.25 7.22
N SER B 238 -37.95 27.42 5.92
CA SER B 238 -39.30 27.25 5.37
C SER B 238 -39.63 25.80 5.08
N SER B 239 -38.64 25.01 4.66
CA SER B 239 -38.90 23.62 4.31
C SER B 239 -39.55 22.90 5.49
N PRO B 240 -40.54 22.03 5.25
CA PRO B 240 -41.09 21.24 6.36
C PRO B 240 -40.03 20.51 7.14
N LEU B 241 -38.95 20.11 6.47
CA LEU B 241 -37.87 19.38 7.14
C LEU B 241 -37.18 20.24 8.19
N LEU B 242 -36.87 21.50 7.84
CA LEU B 242 -36.29 22.42 8.82
C LEU B 242 -37.34 22.98 9.76
N GLU B 243 -38.53 23.29 9.23
CA GLU B 243 -39.62 23.78 10.07
C GLU B 243 -39.87 22.84 11.24
N THR B 244 -39.85 21.53 10.98
CA THR B 244 -39.98 20.54 12.05
C THR B 244 -38.68 20.42 12.84
N SER B 245 -37.56 20.33 12.13
CA SER B 245 -36.29 19.99 12.75
C SER B 245 -35.87 21.03 13.79
N ILE B 246 -36.11 22.31 13.50
CA ILE B 246 -35.56 23.37 14.34
C ILE B 246 -36.27 23.50 15.69
N VAL B 247 -37.50 23.00 15.80
CA VAL B 247 -38.29 23.24 17.01
C VAL B 247 -37.61 22.63 18.23
N GLY B 248 -37.18 21.37 18.12
CA GLY B 248 -36.58 20.68 19.24
C GLY B 248 -35.09 20.47 19.10
N ALA B 249 -34.41 21.42 18.46
CA ALA B 249 -32.98 21.31 18.21
C ALA B 249 -32.19 21.83 19.40
N GLN B 250 -31.19 21.05 19.82
CA GLN B 250 -30.32 21.45 20.92
C GLN B 250 -29.32 22.53 20.51
N GLY B 251 -29.08 22.68 19.22
CA GLY B 251 -28.14 23.68 18.73
C GLY B 251 -28.48 24.10 17.32
N VAL B 252 -28.13 25.33 16.97
CA VAL B 252 -28.37 25.87 15.65
C VAL B 252 -27.17 26.68 15.21
N LEU B 253 -26.64 26.40 14.02
CA LEU B 253 -25.53 27.14 13.43
C LEU B 253 -26.07 27.91 12.24
N MET B 254 -26.09 29.23 12.36
CA MET B 254 -26.59 30.11 11.31
C MET B 254 -25.48 30.98 10.77
N ASN B 255 -25.54 31.25 9.46
CA ASN B 255 -24.58 32.12 8.82
C ASN B 255 -25.27 32.93 7.74
N ILE B 256 -24.89 34.20 7.61
CA ILE B 256 -25.43 35.10 6.60
C ILE B 256 -24.26 35.74 5.87
N THR B 257 -24.29 35.70 4.54
CA THR B 257 -23.20 36.23 3.73
C THR B 257 -23.79 37.09 2.61
N GLY B 258 -23.20 38.26 2.42
CA GLY B 258 -23.64 39.18 1.39
C GLY B 258 -22.54 40.17 1.05
N GLY B 259 -22.87 41.10 0.17
CA GLY B 259 -21.95 42.15 -0.22
C GLY B 259 -21.96 43.31 0.75
N GLU B 260 -21.32 44.40 0.31
CA GLU B 260 -21.22 45.59 1.15
C GLU B 260 -22.58 46.21 1.46
N SER B 261 -23.60 45.92 0.63
CA SER B 261 -24.94 46.43 0.89
C SER B 261 -25.60 45.75 2.08
N LEU B 262 -24.99 44.70 2.63
CA LEU B 262 -25.52 44.02 3.81
C LEU B 262 -24.98 44.70 5.07
N SER B 263 -25.89 45.20 5.90
CA SER B 263 -25.51 45.85 7.15
C SER B 263 -25.51 44.83 8.29
N LEU B 264 -24.75 45.16 9.34
CA LEU B 264 -24.73 44.30 10.52
C LEU B 264 -26.11 44.23 11.16
N PHE B 265 -26.85 45.34 11.15
CA PHE B 265 -28.21 45.32 11.69
C PHE B 265 -29.12 44.43 10.86
N GLU B 266 -29.12 44.63 9.54
CA GLU B 266 -29.95 43.79 8.67
C GLU B 266 -29.64 42.32 8.86
N ALA B 267 -28.36 41.97 9.08
CA ALA B 267 -28.02 40.58 9.35
C ALA B 267 -28.58 40.13 10.69
N GLN B 268 -28.60 41.02 11.68
CA GLN B 268 -29.12 40.65 12.99
C GLN B 268 -30.63 40.45 12.96
N GLU B 269 -31.34 41.17 12.08
CA GLU B 269 -32.77 40.94 11.91
C GLU B 269 -33.03 39.51 11.45
N ALA B 270 -32.37 39.09 10.37
CA ALA B 270 -32.48 37.72 9.91
C ALA B 270 -32.22 36.73 11.03
N ALA B 271 -31.21 37.00 11.86
CA ALA B 271 -30.90 36.11 12.97
C ALA B 271 -32.07 36.01 13.95
N ASP B 272 -32.71 37.15 14.26
CA ASP B 272 -33.79 37.14 15.23
C ASP B 272 -34.92 36.22 14.78
N ILE B 273 -35.18 36.16 13.47
CA ILE B 273 -36.18 35.23 12.95
C ILE B 273 -35.83 33.80 13.35
N VAL B 274 -34.64 33.34 12.96
CA VAL B 274 -34.20 31.99 13.33
C VAL B 274 -34.20 31.83 14.84
N GLN B 275 -33.77 32.87 15.55
CA GLN B 275 -33.74 32.81 17.02
C GLN B 275 -35.14 32.63 17.59
N ASP B 276 -36.15 33.23 16.95
CA ASP B 276 -37.52 33.07 17.42
C ASP B 276 -38.05 31.67 17.11
N ALA B 277 -37.83 31.19 15.89
CA ALA B 277 -38.31 29.86 15.51
C ALA B 277 -37.65 28.77 16.34
N ALA B 278 -36.45 29.02 16.85
CA ALA B 278 -35.70 27.98 17.55
C ALA B 278 -36.13 27.87 19.00
N ASP B 279 -35.74 26.77 19.62
CA ASP B 279 -35.99 26.55 21.04
C ASP B 279 -35.45 27.72 21.85
N GLU B 280 -36.06 27.95 23.02
CA GLU B 280 -35.62 29.05 23.87
C GLU B 280 -34.26 28.77 24.49
N ASP B 281 -33.99 27.51 24.83
CA ASP B 281 -32.75 27.10 25.45
C ASP B 281 -31.69 26.68 24.42
N VAL B 282 -31.87 27.07 23.16
CA VAL B 282 -30.98 26.60 22.10
C VAL B 282 -29.60 27.23 22.26
N ASN B 283 -28.57 26.45 21.90
CA ASN B 283 -27.21 26.96 21.80
C ASN B 283 -27.00 27.38 20.35
N MET B 284 -27.14 28.67 20.08
CA MET B 284 -27.14 29.19 18.72
C MET B 284 -25.82 29.89 18.43
N ILE B 285 -25.26 29.61 17.26
CA ILE B 285 -24.06 30.28 16.77
C ILE B 285 -24.48 31.08 15.54
N PHE B 286 -24.23 32.39 15.55
CA PHE B 286 -24.68 33.29 14.51
C PHE B 286 -23.47 34.01 13.93
N GLY B 287 -23.26 33.83 12.64
CA GLY B 287 -22.13 34.45 11.94
C GLY B 287 -22.62 35.35 10.83
N THR B 288 -21.91 36.46 10.62
CA THR B 288 -22.21 37.39 9.54
C THR B 288 -20.93 37.62 8.74
N VAL B 289 -21.03 37.55 7.42
CA VAL B 289 -19.88 37.67 6.53
C VAL B 289 -20.18 38.74 5.48
N ILE B 290 -19.39 39.79 5.47
CA ILE B 290 -19.48 40.85 4.47
C ILE B 290 -18.42 40.57 3.41
N ASN B 291 -18.83 40.07 2.26
CA ASN B 291 -17.92 39.68 1.19
C ASN B 291 -18.26 40.45 -0.08
N PRO B 292 -17.52 41.52 -0.41
CA PRO B 292 -17.89 42.34 -1.57
C PRO B 292 -18.21 41.57 -2.85
N GLU B 293 -17.49 40.49 -3.16
CA GLU B 293 -17.71 39.83 -4.44
C GLU B 293 -19.08 39.16 -4.55
N LEU B 294 -19.91 39.25 -3.51
CA LEU B 294 -21.25 38.68 -3.56
C LEU B 294 -22.28 39.61 -4.19
N GLN B 295 -21.95 40.88 -4.36
CA GLN B 295 -22.84 41.85 -5.02
C GLN B 295 -24.12 41.97 -4.20
N ASP B 296 -25.30 41.91 -4.82
CA ASP B 296 -26.57 42.12 -4.14
C ASP B 296 -27.17 40.81 -3.61
N GLU B 297 -26.48 39.69 -3.78
CA GLU B 297 -26.99 38.41 -3.33
C GLU B 297 -26.73 38.24 -1.83
N ILE B 298 -27.72 37.71 -1.12
CA ILE B 298 -27.57 37.32 0.26
C ILE B 298 -27.97 35.84 0.37
N VAL B 299 -27.16 35.06 1.08
CA VAL B 299 -27.40 33.64 1.27
C VAL B 299 -27.40 33.37 2.77
N VAL B 300 -28.38 32.61 3.24
CA VAL B 300 -28.52 32.26 4.65
C VAL B 300 -28.51 30.74 4.76
N THR B 301 -27.83 30.23 5.77
CA THR B 301 -27.82 28.81 6.08
C THR B 301 -28.15 28.63 7.55
N VAL B 302 -29.03 27.66 7.84
CA VAL B 302 -29.40 27.32 9.21
C VAL B 302 -29.19 25.82 9.36
N ILE B 303 -28.36 25.43 10.32
CA ILE B 303 -28.03 24.04 10.57
C ILE B 303 -28.61 23.65 11.92
N ALA B 304 -29.57 22.72 11.91
CA ALA B 304 -30.17 22.20 13.13
C ALA B 304 -29.47 20.91 13.51
N THR B 305 -29.14 20.75 14.79
CA THR B 305 -28.41 19.59 15.26
C THR B 305 -28.80 19.32 16.71
N GLY B 306 -28.24 18.23 17.26
CA GLY B 306 -28.48 17.87 18.65
C GLY B 306 -29.92 17.54 18.96
N PHE B 307 -30.60 16.84 18.05
CA PHE B 307 -32.00 16.47 18.24
C PHE B 307 -32.17 15.59 19.48
N SER C 1 2.68 -28.02 9.79
CA SER C 1 1.44 -28.01 10.55
C SER C 1 0.27 -28.45 9.68
N HIS C 2 0.37 -28.21 8.37
CA HIS C 2 -0.69 -28.54 7.43
C HIS C 2 -0.10 -29.33 6.27
N MET C 3 -0.72 -30.46 5.96
CA MET C 3 -0.28 -31.26 4.83
C MET C 3 -0.61 -30.55 3.53
N ALA C 4 0.35 -30.56 2.61
CA ALA C 4 0.15 -29.93 1.31
C ALA C 4 -0.92 -30.68 0.52
N THR C 5 -1.82 -29.93 -0.11
CA THR C 5 -2.88 -30.52 -0.90
C THR C 5 -2.92 -29.89 -2.28
N LEU C 6 -3.43 -30.65 -3.24
CA LEU C 6 -3.67 -30.17 -4.60
C LEU C 6 -5.16 -29.89 -4.76
N LYS C 7 -5.49 -28.68 -5.17
CA LYS C 7 -6.88 -28.29 -5.42
C LYS C 7 -7.05 -27.99 -6.90
N VAL C 8 -8.11 -28.54 -7.50
CA VAL C 8 -8.42 -28.35 -8.91
C VAL C 8 -9.64 -27.45 -9.00
N ILE C 9 -9.51 -26.34 -9.72
CA ILE C 9 -10.52 -25.29 -9.74
C ILE C 9 -11.06 -25.16 -11.16
N GLY C 10 -12.35 -25.43 -11.34
CA GLY C 10 -13.03 -25.20 -12.59
C GLY C 10 -13.84 -23.93 -12.52
N VAL C 11 -13.56 -23.02 -13.45
CA VAL C 11 -14.15 -21.68 -13.44
C VAL C 11 -15.11 -21.55 -14.62
N GLY C 12 -16.25 -20.91 -14.37
CA GLY C 12 -17.22 -20.68 -15.42
C GLY C 12 -17.88 -21.97 -15.89
N GLY C 13 -18.70 -21.83 -16.94
CA GLY C 13 -19.43 -22.96 -17.46
C GLY C 13 -18.52 -24.08 -17.94
N GLY C 14 -17.52 -23.72 -18.76
CA GLY C 14 -16.60 -24.73 -19.26
C GLY C 14 -15.75 -25.36 -18.18
N GLY C 15 -15.46 -24.60 -17.12
CA GLY C 15 -14.71 -25.17 -16.01
C GLY C 15 -15.52 -26.12 -15.17
N ASN C 16 -16.83 -25.86 -15.05
CA ASN C 16 -17.68 -26.71 -14.24
C ASN C 16 -17.89 -28.07 -14.88
N ASN C 17 -18.03 -28.12 -16.21
CA ASN C 17 -18.08 -29.41 -16.89
C ASN C 17 -16.76 -30.16 -16.76
N ALA C 18 -15.65 -29.45 -16.88
CA ALA C 18 -14.34 -30.08 -16.70
C ALA C 18 -14.24 -30.74 -15.34
N VAL C 19 -14.65 -30.03 -14.29
CA VAL C 19 -14.56 -30.59 -12.95
C VAL C 19 -15.56 -31.73 -12.76
N ASN C 20 -16.73 -31.64 -13.40
CA ASN C 20 -17.71 -32.72 -13.27
C ASN C 20 -17.22 -33.99 -13.96
N ARG C 21 -16.52 -33.85 -15.09
CA ARG C 21 -15.94 -35.01 -15.76
C ARG C 21 -14.83 -35.64 -14.93
N MET C 22 -14.16 -34.85 -14.09
CA MET C 22 -13.06 -35.37 -13.30
C MET C 22 -13.56 -36.12 -12.07
N ILE C 23 -14.58 -35.58 -11.40
CA ILE C 23 -15.16 -36.28 -10.24
C ILE C 23 -15.68 -37.64 -10.66
N ASP C 24 -16.27 -37.73 -11.86
CA ASP C 24 -16.85 -38.98 -12.31
C ASP C 24 -15.80 -40.07 -12.45
N HIS C 25 -14.57 -39.72 -12.80
CA HIS C 25 -13.51 -40.70 -13.07
C HIS C 25 -12.27 -40.34 -12.24
N GLY C 26 -12.35 -40.61 -10.95
CA GLY C 26 -11.24 -40.38 -10.05
C GLY C 26 -10.70 -38.96 -10.10
N ASN C 29 -6.61 -39.05 -5.16
CA ASN C 29 -7.34 -38.15 -4.28
C ASN C 29 -7.00 -36.69 -4.60
N VAL C 30 -8.03 -35.92 -4.96
CA VAL C 30 -7.87 -34.50 -5.27
C VAL C 30 -9.12 -33.77 -4.80
N GLU C 31 -8.92 -32.52 -4.37
CA GLU C 31 -10.01 -31.67 -3.92
C GLU C 31 -10.44 -30.75 -5.05
N PHE C 32 -11.75 -30.71 -5.32
CA PHE C 32 -12.30 -29.99 -6.46
C PHE C 32 -13.07 -28.77 -5.98
N ILE C 33 -12.91 -27.67 -6.72
CA ILE C 33 -13.63 -26.42 -6.46
C ILE C 33 -14.28 -25.98 -7.76
N ALA C 34 -15.54 -25.57 -7.67
CA ALA C 34 -16.27 -24.99 -8.80
C ALA C 34 -16.57 -23.53 -8.49
N ILE C 35 -16.19 -22.66 -9.42
CA ILE C 35 -16.37 -21.21 -9.27
C ILE C 35 -17.10 -20.72 -10.51
N ASN C 36 -18.20 -19.99 -10.31
CA ASN C 36 -19.00 -19.55 -11.44
C ASN C 36 -19.86 -18.36 -11.03
N THR C 37 -20.37 -17.67 -12.04
CA THR C 37 -21.30 -16.56 -11.85
C THR C 37 -22.75 -17.02 -11.91
N ASP C 38 -23.08 -17.84 -12.91
CA ASP C 38 -24.47 -18.22 -13.16
C ASP C 38 -24.87 -19.41 -12.28
N GLY C 39 -26.18 -19.55 -12.12
CA GLY C 39 -26.73 -20.51 -11.18
C GLY C 39 -26.75 -21.96 -11.63
N GLN C 40 -27.18 -22.23 -12.87
CA GLN C 40 -27.43 -23.62 -13.26
C GLN C 40 -26.15 -24.45 -13.17
N ALA C 41 -25.07 -24.00 -13.82
CA ALA C 41 -23.84 -24.76 -13.81
C ALA C 41 -23.37 -25.01 -12.37
N LEU C 42 -23.38 -23.96 -11.55
CA LEU C 42 -22.97 -24.11 -10.16
C LEU C 42 -23.93 -24.99 -9.39
N ASN C 43 -25.24 -24.82 -9.62
CA ASN C 43 -26.23 -25.63 -8.93
C ASN C 43 -26.16 -27.08 -9.35
N LEU C 44 -25.68 -27.35 -10.57
CA LEU C 44 -25.52 -28.71 -11.08
C LEU C 44 -24.12 -29.26 -10.88
N SER C 45 -23.27 -28.56 -10.14
CA SER C 45 -21.90 -28.99 -9.94
C SER C 45 -21.83 -30.10 -8.92
N LYS C 46 -20.93 -31.06 -9.15
CA LYS C 46 -20.70 -32.15 -8.22
C LYS C 46 -19.62 -31.85 -7.18
N ALA C 47 -18.89 -30.74 -7.35
CA ALA C 47 -17.77 -30.46 -6.48
C ALA C 47 -18.22 -30.22 -5.04
N GLU C 48 -17.31 -30.48 -4.10
CA GLU C 48 -17.60 -30.28 -2.69
C GLU C 48 -17.68 -28.81 -2.33
N SER C 49 -16.84 -27.98 -2.97
CA SER C 49 -16.81 -26.54 -2.73
C SER C 49 -17.36 -25.82 -3.95
N LYS C 50 -18.40 -25.03 -3.74
CA LYS C 50 -19.03 -24.24 -4.81
C LYS C 50 -19.04 -22.78 -4.38
N ILE C 51 -18.52 -21.92 -5.26
CA ILE C 51 -18.38 -20.49 -4.98
C ILE C 51 -19.10 -19.71 -6.07
N GLN C 52 -20.09 -18.91 -5.68
CA GLN C 52 -20.73 -17.99 -6.60
C GLN C 52 -20.02 -16.65 -6.54
N ILE C 53 -19.60 -16.15 -7.70
CA ILE C 53 -18.86 -14.89 -7.78
C ILE C 53 -19.73 -13.84 -8.44
N GLY C 54 -19.48 -12.58 -8.06
CA GLY C 54 -20.18 -11.46 -8.66
C GLY C 54 -21.64 -11.37 -8.26
N GLU C 55 -21.96 -11.65 -6.98
CA GLU C 55 -23.34 -11.59 -6.53
C GLU C 55 -23.93 -10.20 -6.77
N LYS C 56 -23.27 -9.15 -6.28
CA LYS C 56 -23.74 -7.79 -6.49
C LYS C 56 -23.70 -7.42 -7.96
N LEU C 57 -22.58 -7.73 -8.63
CA LEU C 57 -22.39 -7.29 -10.01
C LEU C 57 -23.48 -7.80 -10.93
N THR C 58 -23.91 -9.05 -10.74
CA THR C 58 -24.81 -9.72 -11.66
C THR C 58 -26.25 -9.77 -11.19
N ARG C 59 -26.61 -9.02 -10.15
CA ARG C 59 -27.97 -9.05 -9.64
C ARG C 59 -28.95 -8.57 -10.70
N GLY C 60 -30.08 -9.27 -10.81
CA GLY C 60 -31.11 -8.91 -11.77
C GLY C 60 -30.62 -8.81 -13.19
N LEU C 61 -29.46 -9.42 -13.47
CA LEU C 61 -28.82 -9.29 -14.78
C LEU C 61 -29.30 -10.37 -15.72
N GLY C 62 -29.43 -10.02 -17.00
CA GLY C 62 -29.68 -11.02 -18.01
C GLY C 62 -28.47 -11.89 -18.25
N ALA C 63 -28.72 -13.09 -18.75
CA ALA C 63 -27.63 -14.00 -19.06
C ALA C 63 -26.69 -13.34 -20.06
N GLY C 64 -25.41 -13.34 -19.73
CA GLY C 64 -24.41 -12.73 -20.57
C GLY C 64 -23.13 -13.53 -20.55
N ALA C 65 -22.40 -13.45 -21.66
CA ALA C 65 -21.13 -14.15 -21.83
C ALA C 65 -20.05 -13.14 -22.16
N ASN C 66 -19.64 -12.37 -21.15
CA ASN C 66 -18.68 -11.28 -21.23
C ASN C 66 -17.50 -11.57 -20.31
N PRO C 67 -16.27 -11.63 -20.83
CA PRO C 67 -15.13 -11.92 -19.93
C PRO C 67 -14.93 -10.87 -18.86
N GLU C 68 -15.08 -9.57 -19.19
CA GLU C 68 -14.87 -8.53 -18.18
C GLU C 68 -15.79 -8.72 -16.99
N ILE C 69 -17.02 -9.17 -17.23
CA ILE C 69 -17.94 -9.46 -16.13
C ILE C 69 -17.35 -10.52 -15.21
N GLY C 70 -16.91 -11.64 -15.78
CA GLY C 70 -16.28 -12.67 -14.97
C GLY C 70 -15.07 -12.15 -14.20
N LYS C 71 -14.24 -11.34 -14.86
CA LYS C 71 -13.08 -10.78 -14.20
C LYS C 71 -13.48 -9.98 -12.96
N LYS C 72 -14.42 -9.06 -13.11
CA LYS C 72 -14.84 -8.23 -11.98
C LYS C 72 -15.74 -8.98 -11.01
N ALA C 73 -16.43 -10.02 -11.46
CA ALA C 73 -17.18 -10.86 -10.55
C ALA C 73 -16.26 -11.58 -9.57
N ALA C 74 -15.09 -12.02 -10.05
CA ALA C 74 -14.13 -12.69 -9.18
C ALA C 74 -13.48 -11.69 -8.22
N GLU C 75 -13.08 -10.53 -8.71
CA GLU C 75 -12.48 -9.51 -7.85
C GLU C 75 -13.43 -9.15 -6.71
N GLU C 76 -14.72 -9.04 -7.01
CA GLU C 76 -15.71 -8.77 -5.96
C GLU C 76 -15.68 -9.86 -4.90
N SER C 77 -15.48 -11.11 -5.31
CA SER C 77 -15.49 -12.26 -4.42
C SER C 77 -14.08 -12.76 -4.09
N ARG C 78 -13.08 -11.86 -4.10
CA ARG C 78 -11.72 -12.28 -3.80
C ARG C 78 -11.63 -12.94 -2.43
N GLU C 79 -12.41 -12.45 -1.46
CA GLU C 79 -12.35 -12.99 -0.12
C GLU C 79 -12.82 -14.44 -0.09
N GLN C 80 -14.02 -14.71 -0.62
CA GLN C 80 -14.53 -16.07 -0.63
C GLN C 80 -13.64 -17.00 -1.45
N ILE C 81 -13.00 -16.47 -2.49
CA ILE C 81 -12.08 -17.29 -3.27
C ILE C 81 -10.83 -17.59 -2.47
N GLU C 82 -10.39 -16.65 -1.63
CA GLU C 82 -9.22 -16.90 -0.79
C GLU C 82 -9.51 -17.98 0.26
N ASP C 83 -10.70 -17.94 0.87
CA ASP C 83 -11.01 -18.90 1.92
C ASP C 83 -11.09 -20.32 1.38
N ALA C 84 -11.66 -20.50 0.18
CA ALA C 84 -11.79 -21.83 -0.38
C ALA C 84 -10.46 -22.39 -0.84
N ILE C 85 -9.53 -21.52 -1.26
CA ILE C 85 -8.20 -21.97 -1.68
C ILE C 85 -7.28 -22.19 -0.47
N GLN C 86 -7.64 -21.63 0.69
CA GLN C 86 -6.78 -21.71 1.86
C GLN C 86 -6.32 -23.13 2.12
N GLY C 87 -5.02 -23.30 2.34
CA GLY C 87 -4.44 -24.59 2.58
C GLY C 87 -3.96 -25.31 1.34
N ALA C 88 -4.19 -24.76 0.16
CA ALA C 88 -3.75 -25.38 -1.08
C ALA C 88 -2.26 -25.15 -1.29
N ASP C 89 -1.53 -26.23 -1.53
CA ASP C 89 -0.11 -26.15 -1.86
C ASP C 89 0.11 -25.92 -3.35
N MET C 90 -0.74 -26.55 -4.19
CA MET C 90 -0.70 -26.35 -5.63
C MET C 90 -2.14 -26.23 -6.12
N VAL C 91 -2.30 -25.51 -7.22
CA VAL C 91 -3.63 -25.26 -7.79
C VAL C 91 -3.56 -25.44 -9.30
N PHE C 92 -4.51 -26.22 -9.83
CA PHE C 92 -4.78 -26.25 -11.26
C PHE C 92 -6.05 -25.44 -11.51
N VAL C 93 -5.96 -24.44 -12.38
CA VAL C 93 -7.10 -23.59 -12.71
C VAL C 93 -7.39 -23.74 -14.20
N THR C 94 -8.67 -23.87 -14.54
CA THR C 94 -9.08 -23.98 -15.92
C THR C 94 -10.47 -23.38 -16.10
N SER C 95 -10.65 -22.69 -17.21
CA SER C 95 -11.99 -22.30 -17.67
C SER C 95 -12.56 -23.30 -18.66
N GLY C 96 -11.80 -24.34 -19.01
CA GLY C 96 -12.32 -25.39 -19.86
C GLY C 96 -12.56 -24.91 -21.28
N MET C 97 -13.62 -25.44 -21.88
CA MET C 97 -13.94 -25.17 -23.28
C MET C 97 -14.87 -23.98 -23.46
N GLY C 98 -15.28 -23.32 -22.38
CA GLY C 98 -16.26 -22.27 -22.48
C GLY C 98 -15.66 -20.91 -22.79
N GLY C 99 -16.53 -20.00 -23.18
CA GLY C 99 -16.20 -18.60 -23.24
C GLY C 99 -16.92 -17.89 -22.10
N GLY C 100 -17.33 -16.64 -22.33
CA GLY C 100 -18.12 -15.97 -21.33
C GLY C 100 -17.34 -15.69 -20.05
N THR C 101 -18.08 -15.62 -18.94
CA THR C 101 -17.49 -15.20 -17.67
C THR C 101 -16.27 -16.02 -17.29
N GLY C 102 -16.20 -17.27 -17.76
CA GLY C 102 -15.11 -18.15 -17.34
C GLY C 102 -13.75 -17.63 -17.74
N THR C 103 -13.57 -17.29 -19.03
CA THR C 103 -12.26 -16.90 -19.52
C THR C 103 -11.71 -15.68 -18.79
N GLY C 104 -12.60 -14.82 -18.27
CA GLY C 104 -12.16 -13.61 -17.60
C GLY C 104 -12.00 -13.79 -16.11
N ALA C 105 -12.81 -14.67 -15.51
CA ALA C 105 -12.73 -14.91 -14.09
C ALA C 105 -11.61 -15.87 -13.70
N ALA C 106 -11.18 -16.73 -14.62
CA ALA C 106 -10.19 -17.75 -14.31
C ALA C 106 -8.82 -17.13 -14.01
N PRO C 107 -8.37 -16.14 -14.79
CA PRO C 107 -7.08 -15.52 -14.45
C PRO C 107 -7.07 -14.86 -13.09
N VAL C 108 -8.19 -14.26 -12.67
CA VAL C 108 -8.25 -13.67 -11.34
C VAL C 108 -8.14 -14.74 -10.27
N VAL C 109 -8.78 -15.89 -10.48
CA VAL C 109 -8.64 -17.00 -9.54
C VAL C 109 -7.18 -17.45 -9.46
N ALA C 110 -6.52 -17.56 -10.62
CA ALA C 110 -5.11 -17.92 -10.64
C ALA C 110 -4.28 -16.87 -9.93
N LYS C 111 -4.53 -15.59 -10.22
CA LYS C 111 -3.82 -14.52 -9.53
C LYS C 111 -3.96 -14.64 -8.03
N ILE C 112 -5.18 -14.93 -7.55
CA ILE C 112 -5.41 -15.03 -6.11
C ILE C 112 -4.63 -16.21 -5.53
N ALA C 113 -4.75 -17.39 -6.15
CA ALA C 113 -4.05 -18.56 -5.64
C ALA C 113 -2.54 -18.31 -5.57
N LYS C 114 -1.97 -17.70 -6.61
CA LYS C 114 -0.55 -17.38 -6.59
C LYS C 114 -0.22 -16.39 -5.48
N GLU C 115 -1.07 -15.37 -5.30
CA GLU C 115 -0.89 -14.43 -4.21
C GLU C 115 -0.82 -15.15 -2.87
N MET C 116 -1.64 -16.19 -2.69
CA MET C 116 -1.67 -16.95 -1.45
C MET C 116 -0.50 -17.94 -1.34
N GLY C 117 0.37 -17.99 -2.34
CA GLY C 117 1.58 -18.80 -2.27
C GLY C 117 1.49 -20.16 -2.90
N ALA C 118 0.33 -20.56 -3.41
CA ALA C 118 0.20 -21.85 -4.06
C ALA C 118 0.90 -21.85 -5.41
N LEU C 119 1.61 -22.93 -5.71
CA LEU C 119 2.14 -23.15 -7.05
C LEU C 119 0.94 -23.25 -8.00
N THR C 120 0.79 -22.28 -8.88
CA THR C 120 -0.45 -22.10 -9.65
C THR C 120 -0.18 -22.48 -11.11
N VAL C 121 -0.94 -23.46 -11.60
CA VAL C 121 -0.86 -23.91 -12.99
C VAL C 121 -2.17 -23.58 -13.68
N GLY C 122 -2.08 -23.01 -14.88
CA GLY C 122 -3.24 -22.75 -15.70
C GLY C 122 -3.36 -23.77 -16.81
N VAL C 123 -4.47 -24.50 -16.80
CA VAL C 123 -4.70 -25.58 -17.76
C VAL C 123 -5.59 -25.03 -18.88
N VAL C 124 -5.08 -25.10 -20.11
CA VAL C 124 -5.78 -24.58 -21.28
C VAL C 124 -6.11 -25.76 -22.18
N THR C 125 -7.40 -26.07 -22.29
CA THR C 125 -7.88 -27.08 -23.22
C THR C 125 -8.55 -26.47 -24.44
N ARG C 126 -8.89 -25.19 -24.40
CA ARG C 126 -9.58 -24.56 -25.53
C ARG C 126 -8.57 -24.14 -26.59
N PRO C 127 -8.68 -24.64 -27.83
CA PRO C 127 -7.69 -24.26 -28.85
C PRO C 127 -7.69 -22.76 -29.10
N PHE C 128 -6.55 -22.26 -29.55
CA PHE C 128 -6.36 -20.83 -29.79
C PHE C 128 -5.21 -20.64 -30.77
N SER C 129 -4.99 -19.39 -31.16
CA SER C 129 -3.84 -19.03 -31.99
C SER C 129 -3.67 -17.52 -31.94
N PHE C 130 -2.43 -17.07 -32.10
CA PHE C 130 -2.10 -15.65 -31.97
C PHE C 130 -1.47 -15.05 -33.22
N GLU C 131 -1.23 -15.82 -34.27
CA GLU C 131 -0.67 -15.26 -35.50
C GLU C 131 -1.79 -14.63 -36.33
N GLY C 132 -1.58 -13.39 -36.74
CA GLY C 132 -2.52 -12.74 -37.64
C GLY C 132 -3.85 -12.44 -36.96
N ARG C 133 -4.93 -12.72 -37.68
CA ARG C 133 -6.27 -12.31 -37.24
C ARG C 133 -6.69 -13.02 -35.96
N LYS C 134 -6.34 -14.31 -35.83
CA LYS C 134 -6.88 -15.13 -34.76
C LYS C 134 -6.58 -14.60 -33.37
N ARG C 135 -5.70 -13.61 -33.24
CA ARG C 135 -5.47 -12.97 -31.95
C ARG C 135 -6.76 -12.35 -31.40
N GLN C 136 -7.69 -11.98 -32.27
CA GLN C 136 -8.87 -11.24 -31.87
C GLN C 136 -9.94 -12.10 -31.21
N THR C 137 -9.95 -13.41 -31.49
CA THR C 137 -10.90 -14.29 -30.82
C THR C 137 -10.70 -14.21 -29.31
N GLN C 138 -11.79 -13.98 -28.57
CA GLN C 138 -11.68 -13.86 -27.13
C GLN C 138 -11.20 -15.14 -26.46
N ALA C 139 -11.11 -16.24 -27.22
CA ALA C 139 -10.42 -17.42 -26.71
C ALA C 139 -8.92 -17.18 -26.58
N ALA C 140 -8.37 -16.32 -27.44
CA ALA C 140 -6.96 -15.95 -27.33
C ALA C 140 -6.74 -14.93 -26.23
N ALA C 141 -7.67 -13.98 -26.06
CA ALA C 141 -7.56 -13.02 -24.98
C ALA C 141 -7.59 -13.71 -23.62
N GLY C 142 -8.32 -14.82 -23.51
CA GLY C 142 -8.39 -15.53 -22.25
C GLY C 142 -7.07 -16.19 -21.89
N VAL C 143 -6.42 -16.83 -22.86
CA VAL C 143 -5.14 -17.47 -22.58
C VAL C 143 -4.05 -16.43 -22.32
N GLU C 144 -4.16 -15.26 -22.95
CA GLU C 144 -3.19 -14.20 -22.69
C GLU C 144 -3.24 -13.79 -21.24
N ALA C 145 -4.44 -13.57 -20.71
CA ALA C 145 -4.57 -13.17 -19.30
C ALA C 145 -4.17 -14.31 -18.37
N MET C 146 -4.53 -15.55 -18.71
CA MET C 146 -4.21 -16.68 -17.84
C MET C 146 -2.70 -16.85 -17.71
N LYS C 147 -1.96 -16.68 -18.81
CA LYS C 147 -0.51 -16.85 -18.76
C LYS C 147 0.13 -15.81 -17.84
N ALA C 148 -0.38 -14.58 -17.87
CA ALA C 148 0.15 -13.54 -17.00
C ALA C 148 -0.09 -13.82 -15.53
N ALA C 149 -1.09 -14.65 -15.20
CA ALA C 149 -1.52 -14.83 -13.83
C ALA C 149 -0.95 -16.08 -13.16
N VAL C 150 -0.51 -17.06 -13.92
CA VAL C 150 -0.13 -18.35 -13.36
C VAL C 150 1.38 -18.45 -13.29
N ASP C 151 1.87 -19.44 -12.52
CA ASP C 151 3.29 -19.75 -12.51
C ASP C 151 3.71 -20.49 -13.78
N THR C 152 2.87 -21.42 -14.24
CA THR C 152 3.12 -22.12 -15.49
C THR C 152 1.80 -22.43 -16.16
N LEU C 153 1.73 -22.17 -17.47
CA LEU C 153 0.57 -22.50 -18.29
C LEU C 153 0.85 -23.79 -19.04
N ILE C 154 -0.09 -24.73 -18.99
CA ILE C 154 0.03 -25.99 -19.72
C ILE C 154 -1.14 -26.08 -20.70
N VAL C 155 -0.83 -26.41 -21.94
CA VAL C 155 -1.84 -26.67 -22.97
C VAL C 155 -1.96 -28.18 -23.12
N ILE C 156 -3.17 -28.69 -23.04
CA ILE C 156 -3.40 -30.14 -23.10
C ILE C 156 -4.74 -30.38 -23.81
N PRO C 157 -4.85 -31.42 -24.64
CA PRO C 157 -6.12 -31.66 -25.33
C PRO C 157 -7.26 -31.92 -24.35
N ASN C 158 -8.46 -31.51 -24.76
CA ASN C 158 -9.64 -31.69 -23.91
C ASN C 158 -9.90 -33.15 -23.63
N ASP C 159 -9.48 -34.06 -24.52
CA ASP C 159 -9.71 -35.48 -24.29
C ASP C 159 -8.71 -36.05 -23.29
N ARG C 160 -7.51 -35.48 -23.20
CA ARG C 160 -6.54 -35.89 -22.18
C ARG C 160 -6.65 -35.06 -20.91
N LEU C 161 -7.75 -34.32 -20.74
CA LEU C 161 -7.89 -33.47 -19.56
C LEU C 161 -7.76 -34.27 -18.27
N LEU C 162 -8.29 -35.50 -18.26
CA LEU C 162 -8.24 -36.34 -17.07
C LEU C 162 -6.82 -36.72 -16.69
N ASP C 163 -5.84 -36.52 -17.58
CA ASP C 163 -4.46 -36.87 -17.25
C ASP C 163 -3.95 -36.11 -16.03
N ILE C 164 -4.39 -34.85 -15.85
CA ILE C 164 -3.87 -34.03 -14.76
C ILE C 164 -4.41 -34.44 -13.41
N VAL C 165 -5.46 -35.26 -13.36
CA VAL C 165 -5.97 -35.81 -12.11
C VAL C 165 -5.53 -37.26 -11.91
N ASP C 166 -5.61 -38.08 -12.96
CA ASP C 166 -5.17 -39.47 -12.85
C ASP C 166 -3.67 -39.55 -12.58
N LYS C 167 -2.90 -38.60 -13.11
CA LYS C 167 -1.45 -38.59 -12.98
C LYS C 167 -0.99 -37.33 -12.27
N SER C 168 -1.69 -36.96 -11.20
CA SER C 168 -1.41 -35.71 -10.52
C SER C 168 -0.02 -35.71 -9.87
N THR C 169 0.38 -36.85 -9.29
CA THR C 169 1.67 -36.90 -8.62
C THR C 169 2.83 -36.71 -9.59
N PRO C 170 2.94 -37.45 -10.69
CA PRO C 170 4.03 -37.15 -11.65
C PRO C 170 3.92 -35.76 -12.24
N MET C 171 2.70 -35.28 -12.50
CA MET C 171 2.53 -33.97 -13.12
C MET C 171 2.90 -32.85 -12.16
N MET C 172 2.61 -33.03 -10.86
CA MET C 172 3.09 -32.08 -9.87
C MET C 172 4.61 -31.96 -9.91
N GLU C 173 5.31 -33.09 -10.00
CA GLU C 173 6.76 -33.05 -10.09
C GLU C 173 7.23 -32.30 -11.33
N ALA C 174 6.48 -32.42 -12.43
CA ALA C 174 6.82 -31.69 -13.65
C ALA C 174 6.64 -30.19 -13.45
N PHE C 175 5.54 -29.78 -12.80
CA PHE C 175 5.28 -28.36 -12.60
C PHE C 175 6.23 -27.76 -11.57
N LYS C 176 6.63 -28.52 -10.56
CA LYS C 176 7.65 -28.04 -9.64
C LYS C 176 8.96 -27.76 -10.37
N GLU C 177 9.35 -28.66 -11.28
CA GLU C 177 10.56 -28.44 -12.06
C GLU C 177 10.46 -27.16 -12.88
N ALA C 178 9.31 -26.94 -13.53
CA ALA C 178 9.12 -25.70 -14.29
C ALA C 178 9.21 -24.49 -13.37
N ASP C 179 8.60 -24.58 -12.19
CA ASP C 179 8.67 -23.48 -11.23
C ASP C 179 10.11 -23.20 -10.84
N ASN C 180 10.89 -24.24 -10.54
CA ASN C 180 12.27 -24.04 -10.12
C ASN C 180 13.12 -23.45 -11.23
N VAL C 181 12.87 -23.87 -12.47
CA VAL C 181 13.65 -23.36 -13.59
C VAL C 181 13.38 -21.87 -13.78
N LEU C 182 12.11 -21.46 -13.68
CA LEU C 182 11.77 -20.05 -13.86
C LEU C 182 12.32 -19.21 -12.71
N ARG C 183 12.13 -19.66 -11.47
CA ARG C 183 12.60 -18.88 -10.32
C ARG C 183 14.08 -18.58 -10.41
N GLN C 184 14.89 -19.59 -10.73
CA GLN C 184 16.34 -19.44 -10.75
C GLN C 184 16.88 -19.00 -12.10
N GLY C 185 16.02 -18.84 -13.10
CA GLY C 185 16.48 -18.43 -14.41
C GLY C 185 17.53 -19.35 -14.99
N VAL C 186 17.36 -20.66 -14.84
CA VAL C 186 18.34 -21.61 -15.38
C VAL C 186 18.44 -21.44 -16.88
N GLN C 187 19.68 -21.42 -17.38
CA GLN C 187 19.94 -21.18 -18.80
C GLN C 187 19.22 -19.94 -19.31
N GLY C 188 19.08 -18.94 -18.44
CA GLY C 188 18.48 -17.67 -18.83
C GLY C 188 17.01 -17.71 -19.14
N ILE C 189 16.31 -18.80 -18.78
CA ILE C 189 14.89 -18.91 -19.09
C ILE C 189 14.10 -17.90 -18.26
N SER C 190 13.19 -17.19 -18.92
CA SER C 190 12.36 -16.20 -18.27
C SER C 190 10.88 -16.37 -18.55
N ASP C 191 10.50 -17.34 -19.39
CA ASP C 191 9.11 -17.54 -19.77
C ASP C 191 8.99 -18.96 -20.29
N LEU C 192 7.88 -19.62 -19.96
CA LEU C 192 7.77 -21.05 -20.21
C LEU C 192 6.31 -21.44 -20.38
N ILE C 193 6.05 -22.25 -21.40
CA ILE C 193 4.76 -22.89 -21.61
C ILE C 193 4.97 -24.39 -21.63
N ALA C 194 4.11 -25.13 -20.95
CA ALA C 194 4.18 -26.58 -20.92
C ALA C 194 3.18 -27.17 -21.90
N VAL C 195 3.51 -28.35 -22.43
CA VAL C 195 2.69 -29.04 -23.41
C VAL C 195 2.56 -30.50 -22.99
N SER C 196 1.34 -31.04 -23.08
CA SER C 196 1.08 -32.45 -22.80
C SER C 196 0.19 -32.99 -23.91
N GLY C 197 0.67 -34.01 -24.61
CA GLY C 197 -0.14 -34.67 -25.61
C GLY C 197 -0.04 -34.02 -26.98
N GLU C 198 -0.98 -34.39 -27.84
CA GLU C 198 -1.01 -33.94 -29.22
C GLU C 198 -1.77 -32.61 -29.27
N VAL C 199 -1.05 -31.54 -28.96
CA VAL C 199 -1.60 -30.19 -28.98
C VAL C 199 -1.35 -29.59 -30.36
N ASN C 200 -2.41 -29.02 -30.95
CA ASN C 200 -2.31 -28.43 -32.29
C ASN C 200 -1.87 -26.98 -32.16
N LEU C 201 -0.59 -26.81 -31.88
CA LEU C 201 0.02 -25.48 -31.78
C LEU C 201 1.41 -25.51 -32.39
N ASP C 202 1.68 -24.59 -33.31
CA ASP C 202 3.03 -24.26 -33.73
C ASP C 202 3.51 -23.05 -32.92
N PHE C 203 4.82 -22.86 -32.91
CA PHE C 203 5.38 -21.74 -32.15
C PHE C 203 4.79 -20.41 -32.62
N ALA C 204 4.49 -20.30 -33.91
CA ALA C 204 3.86 -19.08 -34.42
C ALA C 204 2.52 -18.80 -33.75
N ASP C 205 1.90 -19.81 -33.15
CA ASP C 205 0.62 -19.63 -32.47
C ASP C 205 0.74 -19.03 -31.08
N VAL C 206 1.96 -18.99 -30.51
CA VAL C 206 2.14 -18.52 -29.15
C VAL C 206 3.26 -17.48 -29.07
N LYS C 207 4.05 -17.36 -30.14
CA LYS C 207 5.19 -16.45 -30.11
C LYS C 207 4.79 -15.05 -29.67
N THR C 208 3.54 -14.66 -29.94
CA THR C 208 3.09 -13.32 -29.56
C THR C 208 3.02 -13.15 -28.05
N ILE C 209 2.60 -14.19 -27.32
CA ILE C 209 2.40 -14.10 -25.89
C ILE C 209 3.61 -14.62 -25.14
N MET C 210 4.68 -14.96 -25.85
CA MET C 210 5.91 -15.44 -25.23
C MET C 210 6.99 -14.36 -25.32
N SER C 211 7.75 -14.22 -24.23
CA SER C 211 8.78 -13.19 -24.15
C SER C 211 9.73 -13.31 -25.34
N ASN C 212 10.19 -12.16 -25.82
CA ASN C 212 11.11 -12.12 -26.95
C ASN C 212 12.47 -12.72 -26.60
N GLN C 213 12.81 -12.75 -25.32
CA GLN C 213 14.14 -13.16 -24.87
C GLN C 213 13.99 -14.23 -23.80
N GLY C 214 14.64 -15.38 -24.01
CA GLY C 214 14.67 -16.42 -23.00
C GLY C 214 13.38 -17.20 -22.85
N SER C 215 12.62 -17.34 -23.93
CA SER C 215 11.44 -18.19 -23.89
C SER C 215 11.84 -19.66 -23.88
N ALA C 216 10.94 -20.50 -23.38
CA ALA C 216 11.20 -21.93 -23.27
C ALA C 216 9.91 -22.70 -23.43
N LEU C 217 10.03 -23.95 -23.87
CA LEU C 217 8.90 -24.84 -24.04
C LEU C 217 9.20 -26.15 -23.31
N MET C 218 8.25 -26.61 -22.51
CA MET C 218 8.42 -27.83 -21.71
C MET C 218 7.45 -28.89 -22.20
N GLY C 219 7.96 -30.06 -22.54
CA GLY C 219 7.14 -31.21 -22.85
C GLY C 219 7.12 -32.17 -21.67
N ILE C 220 5.93 -32.69 -21.36
CA ILE C 220 5.74 -33.60 -20.24
C ILE C 220 5.33 -34.97 -20.80
N GLY C 221 5.99 -36.02 -20.32
CA GLY C 221 5.64 -37.37 -20.69
C GLY C 221 5.57 -38.28 -19.48
N VAL C 222 4.43 -38.93 -19.28
CA VAL C 222 4.22 -39.84 -18.16
C VAL C 222 3.88 -41.22 -18.71
N SER C 223 4.39 -42.26 -18.06
CA SER C 223 4.10 -43.63 -18.46
C SER C 223 4.60 -44.56 -17.37
N SER C 224 3.99 -45.76 -17.33
CA SER C 224 4.34 -46.78 -16.36
C SER C 224 4.47 -48.11 -17.08
N GLY C 225 5.04 -49.09 -16.37
CA GLY C 225 5.08 -50.45 -16.86
C GLY C 225 6.12 -50.72 -17.92
N GLU C 226 5.74 -51.52 -18.91
CA GLU C 226 6.69 -52.02 -19.91
C GLU C 226 7.27 -50.87 -20.73
N ASN C 227 8.59 -50.77 -20.74
CA ASN C 227 9.29 -49.80 -21.59
C ASN C 227 8.87 -48.37 -21.25
N ARG C 228 8.73 -48.09 -19.96
CA ARG C 228 8.17 -46.81 -19.52
C ARG C 228 9.14 -45.66 -19.78
N ALA C 229 10.44 -45.87 -19.54
CA ALA C 229 11.40 -44.79 -19.70
C ALA C 229 11.38 -44.23 -21.12
N VAL C 230 11.53 -45.11 -22.12
CA VAL C 230 11.54 -44.67 -23.51
C VAL C 230 10.22 -44.00 -23.87
N GLU C 231 9.09 -44.59 -23.45
CA GLU C 231 7.80 -44.08 -23.87
C GLU C 231 7.49 -42.74 -23.24
N ALA C 232 7.82 -42.57 -21.95
CA ALA C 232 7.66 -41.27 -21.32
C ALA C 232 8.51 -40.23 -22.03
N ALA C 233 9.78 -40.54 -22.26
CA ALA C 233 10.65 -39.63 -22.99
C ALA C 233 10.08 -39.30 -24.37
N LYS C 234 9.52 -40.31 -25.05
CA LYS C 234 8.94 -40.09 -26.36
C LYS C 234 7.74 -39.15 -26.29
N LYS C 235 6.83 -39.39 -25.34
CA LYS C 235 5.69 -38.51 -25.16
C LYS C 235 6.14 -37.08 -24.90
N ALA C 236 7.24 -36.91 -24.15
CA ALA C 236 7.68 -35.57 -23.78
C ALA C 236 8.01 -34.72 -25.00
N ILE C 237 8.53 -35.33 -26.05
CA ILE C 237 8.97 -34.60 -27.24
C ILE C 237 8.05 -34.87 -28.42
N SER C 238 6.83 -35.37 -28.17
CA SER C 238 5.95 -35.77 -29.25
C SER C 238 5.06 -34.64 -29.77
N SER C 239 4.82 -33.61 -28.97
CA SER C 239 3.98 -32.52 -29.42
C SER C 239 4.67 -31.77 -30.56
N PRO C 240 3.92 -31.19 -31.49
CA PRO C 240 4.55 -30.38 -32.55
C PRO C 240 5.41 -29.26 -32.00
N LEU C 241 5.05 -28.69 -30.85
CA LEU C 241 5.85 -27.61 -30.27
C LEU C 241 7.24 -28.10 -29.88
N LEU C 242 7.31 -29.26 -29.21
CA LEU C 242 8.60 -29.78 -28.78
C LEU C 242 9.36 -30.44 -29.92
N GLU C 243 8.65 -31.19 -30.78
CA GLU C 243 9.32 -31.87 -31.88
C GLU C 243 10.09 -30.88 -32.74
N THR C 244 9.48 -29.73 -33.04
CA THR C 244 10.15 -28.72 -33.86
C THR C 244 11.17 -27.93 -33.05
N SER C 245 10.82 -27.54 -31.82
CA SER C 245 11.68 -26.66 -31.05
C SER C 245 12.94 -27.36 -30.55
N ILE C 246 12.85 -28.65 -30.22
CA ILE C 246 14.01 -29.35 -29.68
C ILE C 246 15.14 -29.44 -30.70
N VAL C 247 14.83 -29.29 -31.99
CA VAL C 247 15.86 -29.37 -33.02
C VAL C 247 16.70 -28.10 -33.03
N GLY C 248 16.05 -26.94 -32.95
CA GLY C 248 16.76 -25.67 -32.97
C GLY C 248 17.28 -25.20 -31.63
N ALA C 249 16.96 -25.91 -30.56
CA ALA C 249 17.29 -25.44 -29.22
C ALA C 249 18.79 -25.43 -29.00
N GLN C 250 19.30 -24.33 -28.43
CA GLN C 250 20.67 -24.26 -27.96
C GLN C 250 20.82 -24.73 -26.52
N GLY C 251 19.73 -24.79 -25.77
CA GLY C 251 19.76 -25.27 -24.40
C GLY C 251 18.59 -26.19 -24.11
N VAL C 252 18.86 -27.31 -23.45
CA VAL C 252 17.83 -28.28 -23.11
C VAL C 252 18.01 -28.66 -21.64
N LEU C 253 16.92 -28.62 -20.89
CA LEU C 253 16.88 -29.14 -19.53
C LEU C 253 16.01 -30.39 -19.53
N MET C 254 16.62 -31.54 -19.24
CA MET C 254 15.90 -32.80 -19.22
C MET C 254 15.94 -33.37 -17.81
N ASN C 255 14.77 -33.74 -17.30
CA ASN C 255 14.66 -34.42 -16.01
C ASN C 255 13.81 -35.67 -16.18
N ILE C 256 14.19 -36.73 -15.49
CA ILE C 256 13.38 -37.93 -15.38
C ILE C 256 13.26 -38.26 -13.90
N THR C 257 12.03 -38.50 -13.44
CA THR C 257 11.76 -38.79 -12.05
C THR C 257 10.97 -40.09 -11.96
N GLY C 258 11.41 -41.00 -11.11
CA GLY C 258 10.73 -42.26 -10.91
C GLY C 258 10.90 -42.72 -9.48
N GLY C 259 10.27 -43.84 -9.15
CA GLY C 259 10.38 -44.42 -7.84
C GLY C 259 11.68 -45.20 -7.69
N GLU C 260 11.75 -45.97 -6.60
CA GLU C 260 12.95 -46.77 -6.33
C GLU C 260 13.18 -47.82 -7.40
N SER C 261 12.15 -48.16 -8.18
CA SER C 261 12.31 -49.10 -9.27
C SER C 261 12.96 -48.49 -10.51
N LEU C 262 13.23 -47.19 -10.51
CA LEU C 262 13.89 -46.56 -11.64
C LEU C 262 15.37 -46.93 -11.61
N SER C 263 15.84 -47.61 -12.66
CA SER C 263 17.23 -47.99 -12.76
C SER C 263 18.02 -46.96 -13.56
N LEU C 264 19.33 -46.95 -13.34
CA LEU C 264 20.19 -46.08 -14.14
C LEU C 264 20.05 -46.39 -15.62
N PHE C 265 19.84 -47.66 -15.96
CA PHE C 265 19.64 -48.04 -17.36
C PHE C 265 18.40 -47.38 -17.94
N GLU C 266 17.31 -47.35 -17.18
CA GLU C 266 16.11 -46.66 -17.64
C GLU C 266 16.36 -45.16 -17.78
N ALA C 267 17.03 -44.56 -16.80
CA ALA C 267 17.31 -43.13 -16.87
C ALA C 267 18.10 -42.79 -18.13
N GLN C 268 19.10 -43.60 -18.47
CA GLN C 268 19.91 -43.33 -19.65
C GLN C 268 19.14 -43.60 -20.94
N GLU C 269 18.25 -44.61 -20.94
CA GLU C 269 17.36 -44.81 -22.08
C GLU C 269 16.58 -43.55 -22.38
N ALA C 270 16.01 -42.93 -21.34
CA ALA C 270 15.25 -41.69 -21.53
C ALA C 270 16.16 -40.56 -22.02
N ALA C 271 17.35 -40.44 -21.43
CA ALA C 271 18.27 -39.38 -21.84
C ALA C 271 18.67 -39.53 -23.30
N ASP C 272 19.00 -40.74 -23.72
CA ASP C 272 19.47 -40.94 -25.09
C ASP C 272 18.39 -40.60 -26.10
N ILE C 273 17.12 -40.87 -25.77
CA ILE C 273 16.02 -40.48 -26.65
C ILE C 273 16.03 -38.97 -26.87
N VAL C 274 16.34 -38.20 -25.83
CA VAL C 274 16.27 -36.75 -25.91
C VAL C 274 17.54 -36.17 -26.52
N GLN C 275 18.71 -36.65 -26.10
CA GLN C 275 19.96 -36.12 -26.61
C GLN C 275 20.10 -36.38 -28.11
N ASP C 276 19.53 -37.48 -28.61
CA ASP C 276 19.61 -37.79 -30.03
C ASP C 276 18.59 -37.01 -30.85
N ALA C 277 17.46 -36.67 -30.26
CA ALA C 277 16.50 -35.80 -30.94
C ALA C 277 16.96 -34.36 -30.99
N ALA C 278 17.97 -33.99 -30.20
CA ALA C 278 18.43 -32.61 -30.08
C ALA C 278 19.81 -32.46 -30.71
N ASP C 279 20.19 -31.21 -30.95
CA ASP C 279 21.45 -30.91 -31.61
C ASP C 279 22.63 -31.44 -30.81
N GLU C 280 23.66 -31.90 -31.53
CA GLU C 280 24.85 -32.45 -30.90
C GLU C 280 25.58 -31.42 -30.07
N ASP C 281 25.50 -30.14 -30.46
CA ASP C 281 26.19 -29.07 -29.74
C ASP C 281 25.31 -28.41 -28.68
N VAL C 282 24.16 -28.99 -28.37
CA VAL C 282 23.25 -28.37 -27.40
C VAL C 282 23.92 -28.35 -26.03
N ASN C 283 23.62 -27.31 -25.26
CA ASN C 283 23.99 -27.24 -23.85
C ASN C 283 22.87 -27.92 -23.07
N MET C 284 23.08 -29.18 -22.71
CA MET C 284 22.05 -29.99 -22.08
C MET C 284 22.37 -30.16 -20.60
N ILE C 285 21.38 -29.92 -19.75
CA ILE C 285 21.42 -30.28 -18.34
C ILE C 285 20.55 -31.50 -18.15
N PHE C 286 21.09 -32.51 -17.47
CA PHE C 286 20.43 -33.80 -17.34
C PHE C 286 20.27 -34.11 -15.86
N GLY C 287 19.03 -34.33 -15.44
CA GLY C 287 18.73 -34.66 -14.05
C GLY C 287 17.98 -35.97 -13.94
N THR C 288 18.33 -36.76 -12.93
CA THR C 288 17.63 -38.00 -12.61
C THR C 288 17.31 -37.99 -11.13
N VAL C 289 16.05 -38.19 -10.78
CA VAL C 289 15.58 -38.09 -9.40
C VAL C 289 14.89 -39.39 -9.02
N ILE C 290 15.32 -39.98 -7.91
CA ILE C 290 14.66 -41.13 -7.30
C ILE C 290 13.74 -40.58 -6.22
N ASN C 291 12.44 -40.66 -6.44
CA ASN C 291 11.45 -40.15 -5.47
C ASN C 291 10.54 -41.30 -5.06
N PRO C 292 10.67 -41.82 -3.83
CA PRO C 292 9.87 -43.00 -3.46
C PRO C 292 8.37 -42.80 -3.61
N GLU C 293 7.89 -41.56 -3.54
CA GLU C 293 6.45 -41.31 -3.59
C GLU C 293 5.84 -41.58 -4.96
N LEU C 294 6.67 -41.75 -6.00
CA LEU C 294 6.14 -41.99 -7.34
C LEU C 294 5.76 -43.45 -7.59
N GLN C 295 6.35 -44.38 -6.83
CA GLN C 295 6.08 -45.81 -6.98
C GLN C 295 6.42 -46.19 -8.42
N ASP C 296 5.47 -46.73 -9.20
CA ASP C 296 5.79 -47.36 -10.49
C ASP C 296 5.42 -46.51 -11.69
N GLU C 297 5.23 -45.20 -11.49
CA GLU C 297 5.10 -44.26 -12.59
C GLU C 297 6.36 -43.41 -12.67
N ILE C 298 6.69 -42.97 -13.88
CA ILE C 298 7.84 -42.09 -14.09
C ILE C 298 7.40 -40.94 -14.98
N VAL C 299 8.03 -39.79 -14.77
CA VAL C 299 7.72 -38.57 -15.52
C VAL C 299 9.01 -38.03 -16.11
N VAL C 300 8.94 -37.63 -17.37
CA VAL C 300 10.07 -37.02 -18.08
C VAL C 300 9.65 -35.63 -18.53
N THR C 301 10.48 -34.63 -18.22
CA THR C 301 10.27 -33.27 -18.68
C THR C 301 11.45 -32.86 -19.56
N VAL C 302 11.13 -32.22 -20.68
CA VAL C 302 12.15 -31.72 -21.60
C VAL C 302 11.84 -30.25 -21.86
N ILE C 303 12.77 -29.37 -21.49
CA ILE C 303 12.62 -27.93 -21.62
C ILE C 303 13.56 -27.45 -22.70
N ALA C 304 13.01 -26.89 -23.77
CA ALA C 304 13.80 -26.37 -24.88
C ALA C 304 13.83 -24.85 -24.81
N THR C 305 15.02 -24.26 -24.98
CA THR C 305 15.19 -22.82 -24.97
C THR C 305 16.27 -22.44 -25.96
N GLY C 306 16.27 -21.17 -26.36
CA GLY C 306 17.22 -20.68 -27.33
C GLY C 306 16.95 -21.17 -28.74
N PHE C 307 15.68 -21.24 -29.13
CA PHE C 307 15.29 -21.75 -30.44
C PHE C 307 14.65 -20.71 -31.35
N ASP C 308 14.30 -19.54 -30.82
CA ASP C 308 13.65 -18.50 -31.62
C ASP C 308 14.64 -17.40 -31.97
N SER D 1 18.74 -11.11 -21.40
CA SER D 1 19.38 -9.90 -21.86
C SER D 1 20.58 -9.57 -20.97
N HIS D 2 20.48 -9.96 -19.70
CA HIS D 2 21.53 -9.77 -18.72
C HIS D 2 21.97 -11.14 -18.24
N MET D 3 23.27 -11.28 -17.94
CA MET D 3 23.79 -12.57 -17.52
C MET D 3 23.79 -12.69 -16.00
N ALA D 4 23.67 -13.92 -15.52
CA ALA D 4 23.67 -14.20 -14.09
C ALA D 4 24.91 -13.58 -13.45
N THR D 5 24.74 -13.05 -12.24
CA THR D 5 25.83 -12.36 -11.56
C THR D 5 25.72 -12.58 -10.06
N LEU D 6 26.87 -12.80 -9.43
CA LEU D 6 26.98 -12.94 -7.99
C LEU D 6 27.61 -11.68 -7.42
N LYS D 7 27.02 -11.16 -6.35
CA LYS D 7 27.56 -10.01 -5.64
C LYS D 7 27.75 -10.37 -4.18
N VAL D 8 28.94 -10.10 -3.66
CA VAL D 8 29.30 -10.44 -2.28
C VAL D 8 29.36 -9.14 -1.50
N ILE D 9 28.55 -9.06 -0.44
CA ILE D 9 28.33 -7.81 0.30
C ILE D 9 28.85 -8.01 1.72
N GLY D 10 29.93 -7.29 2.06
CA GLY D 10 30.41 -7.23 3.42
C GLY D 10 29.88 -5.98 4.09
N VAL D 11 29.20 -6.18 5.22
CA VAL D 11 28.55 -5.10 5.95
C VAL D 11 29.22 -4.96 7.31
N GLY D 12 29.42 -3.70 7.73
CA GLY D 12 30.06 -3.44 9.00
C GLY D 12 31.56 -3.68 8.95
N GLY D 13 32.19 -3.52 10.12
CA GLY D 13 33.63 -3.73 10.20
C GLY D 13 34.03 -5.16 9.91
N GLY D 14 33.24 -6.12 10.39
CA GLY D 14 33.56 -7.51 10.13
C GLY D 14 33.38 -7.88 8.67
N GLY D 15 32.36 -7.34 8.03
CA GLY D 15 32.14 -7.61 6.62
C GLY D 15 33.18 -6.99 5.73
N ASN D 16 33.67 -5.79 6.09
CA ASN D 16 34.72 -5.15 5.30
C ASN D 16 35.99 -5.97 5.30
N ASN D 17 36.36 -6.53 6.45
CA ASN D 17 37.55 -7.39 6.51
C ASN D 17 37.33 -8.68 5.75
N ALA D 18 36.12 -9.24 5.83
CA ALA D 18 35.80 -10.44 5.04
C ALA D 18 35.97 -10.17 3.55
N VAL D 19 35.49 -9.01 3.08
CA VAL D 19 35.57 -8.69 1.67
C VAL D 19 37.02 -8.48 1.24
N ASN D 20 37.82 -7.80 2.06
CA ASN D 20 39.22 -7.58 1.72
C ASN D 20 39.96 -8.91 1.60
N ARG D 21 39.67 -9.85 2.50
CA ARG D 21 40.28 -11.17 2.40
C ARG D 21 39.88 -11.86 1.10
N MET D 22 38.62 -11.67 0.67
CA MET D 22 38.15 -12.33 -0.55
C MET D 22 38.75 -11.70 -1.80
N ILE D 23 39.02 -10.39 -1.77
CA ILE D 23 39.65 -9.76 -2.93
C ILE D 23 41.12 -10.12 -3.02
N ASP D 24 41.79 -10.31 -1.88
CA ASP D 24 43.21 -10.56 -1.88
C ASP D 24 43.54 -11.93 -2.47
N HIS D 25 42.76 -12.96 -2.12
CA HIS D 25 43.07 -14.33 -2.46
C HIS D 25 42.01 -15.03 -3.31
N GLY D 26 40.74 -14.67 -3.18
CA GLY D 26 39.68 -15.38 -3.87
C GLY D 26 38.99 -14.57 -4.94
N MET D 27 39.75 -13.80 -5.71
CA MET D 27 39.19 -13.01 -6.80
C MET D 27 39.08 -13.85 -8.07
N ASN D 29 35.12 -14.64 -11.17
CA ASN D 29 34.54 -13.34 -11.44
C ASN D 29 33.37 -13.04 -10.50
N VAL D 30 33.59 -12.12 -9.56
CA VAL D 30 32.57 -11.72 -8.61
C VAL D 30 32.70 -10.22 -8.37
N GLU D 31 31.57 -9.59 -8.08
CA GLU D 31 31.53 -8.18 -7.71
C GLU D 31 31.41 -8.05 -6.19
N PHE D 32 32.23 -7.21 -5.60
CA PHE D 32 32.26 -7.02 -4.16
C PHE D 32 31.73 -5.64 -3.80
N ILE D 33 30.91 -5.58 -2.75
CA ILE D 33 30.37 -4.32 -2.24
C ILE D 33 30.67 -4.27 -0.75
N ALA D 34 31.24 -3.15 -0.31
CA ALA D 34 31.48 -2.90 1.11
C ALA D 34 30.49 -1.84 1.58
N ILE D 35 29.82 -2.13 2.69
CA ILE D 35 28.82 -1.24 3.26
C ILE D 35 29.14 -1.05 4.74
N ASN D 36 29.18 0.21 5.19
CA ASN D 36 29.59 0.49 6.55
C ASN D 36 29.12 1.89 6.94
N THR D 37 28.86 2.06 8.23
CA THR D 37 28.55 3.37 8.77
C THR D 37 29.81 4.18 9.07
N ASP D 38 30.94 3.52 9.28
CA ASP D 38 32.18 4.19 9.63
C ASP D 38 32.98 4.47 8.36
N GLY D 39 33.26 5.74 8.11
CA GLY D 39 33.99 6.11 6.90
C GLY D 39 35.43 5.66 6.90
N GLN D 40 36.05 5.57 8.08
CA GLN D 40 37.44 5.12 8.16
C GLN D 40 37.56 3.68 7.68
N ALA D 41 36.69 2.80 8.16
CA ALA D 41 36.72 1.40 7.73
C ALA D 41 36.47 1.28 6.23
N LEU D 42 35.68 2.19 5.67
CA LEU D 42 35.35 2.11 4.25
C LEU D 42 36.55 2.45 3.39
N ASN D 43 37.37 3.43 3.80
CA ASN D 43 38.54 3.81 3.02
C ASN D 43 39.56 2.68 2.98
N LEU D 44 39.61 1.84 4.01
CA LEU D 44 40.47 0.67 4.00
C LEU D 44 39.94 -0.46 3.15
N SER D 45 38.76 -0.28 2.54
CA SER D 45 38.15 -1.34 1.74
C SER D 45 38.72 -1.32 0.33
N LYS D 46 39.20 -2.48 -0.12
CA LYS D 46 39.63 -2.65 -1.50
C LYS D 46 38.48 -2.97 -2.44
N ALA D 47 37.24 -2.79 -1.98
CA ALA D 47 36.08 -3.15 -2.79
C ALA D 47 35.85 -2.12 -3.90
N GLU D 48 35.26 -2.60 -4.99
CA GLU D 48 35.00 -1.73 -6.13
C GLU D 48 33.90 -0.73 -5.83
N SER D 49 32.85 -1.16 -5.12
CA SER D 49 31.73 -0.31 -4.76
C SER D 49 31.67 -0.16 -3.24
N LYS D 50 31.57 1.08 -2.78
CA LYS D 50 31.51 1.40 -1.36
C LYS D 50 30.28 2.25 -1.09
N ILE D 51 29.53 1.90 -0.05
CA ILE D 51 28.35 2.65 0.36
C ILE D 51 28.52 3.00 1.83
N GLN D 52 28.63 4.29 2.14
CA GLN D 52 28.53 4.76 3.52
C GLN D 52 27.05 4.99 3.81
N ILE D 53 26.51 4.22 4.76
CA ILE D 53 25.09 4.21 5.04
C ILE D 53 24.81 5.07 6.26
N GLY D 54 23.66 5.74 6.24
CA GLY D 54 23.20 6.51 7.38
C GLY D 54 24.14 7.63 7.77
N GLU D 55 24.43 8.53 6.83
CA GLU D 55 25.29 9.67 7.15
C GLU D 55 24.57 10.68 8.03
N LYS D 56 23.26 10.87 7.81
CA LYS D 56 22.49 11.76 8.67
C LYS D 56 22.38 11.19 10.08
N LEU D 57 21.96 9.93 10.20
CA LEU D 57 21.72 9.33 11.50
C LEU D 57 22.97 9.25 12.36
N THR D 58 24.16 9.25 11.76
CA THR D 58 25.40 9.11 12.48
C THR D 58 26.14 10.42 12.72
N ARG D 59 25.49 11.55 12.44
CA ARG D 59 26.14 12.85 12.62
C ARG D 59 26.50 13.07 14.08
N GLY D 60 27.73 13.49 14.34
CA GLY D 60 28.16 13.83 15.67
C GLY D 60 28.22 12.70 16.66
N LEU D 61 28.02 11.46 16.22
CA LEU D 61 28.03 10.31 17.11
C LEU D 61 29.42 9.66 17.07
N GLY D 62 29.58 8.62 17.87
CA GLY D 62 30.85 7.94 17.99
C GLY D 62 30.72 6.51 18.46
N ALA D 63 31.74 6.04 19.17
CA ALA D 63 31.79 4.66 19.61
C ALA D 63 30.55 4.31 20.43
N GLY D 64 30.28 3.00 20.52
CA GLY D 64 29.10 2.51 21.17
C GLY D 64 27.91 2.27 20.26
N ALA D 65 28.06 2.51 18.96
CA ALA D 65 26.96 2.29 18.02
C ALA D 65 26.38 0.90 18.21
N ASN D 66 25.06 0.81 18.09
CA ASN D 66 24.34 -0.42 18.41
C ASN D 66 23.66 -0.99 17.18
N PRO D 67 23.10 -2.20 17.26
CA PRO D 67 22.42 -2.77 16.08
C PRO D 67 21.33 -1.89 15.52
N GLU D 68 20.49 -1.28 16.37
CA GLU D 68 19.38 -0.47 15.86
C GLU D 68 19.89 0.69 15.00
N ILE D 69 21.04 1.27 15.36
CA ILE D 69 21.63 2.31 14.52
C ILE D 69 21.99 1.74 13.16
N GLY D 70 22.66 0.59 13.15
CA GLY D 70 22.98 -0.06 11.88
C GLY D 70 21.73 -0.34 11.06
N LYS D 71 20.70 -0.91 11.69
CA LYS D 71 19.46 -1.19 10.98
C LYS D 71 18.90 0.09 10.35
N LYS D 72 18.60 1.09 11.17
CA LYS D 72 17.99 2.31 10.64
C LYS D 72 18.93 3.04 9.70
N ALA D 73 20.25 2.93 9.93
CA ALA D 73 21.20 3.53 9.00
C ALA D 73 21.05 2.92 7.61
N ALA D 74 20.83 1.61 7.53
CA ALA D 74 20.64 0.97 6.24
C ALA D 74 19.29 1.33 5.63
N GLU D 75 18.26 1.47 6.46
CA GLU D 75 16.96 1.91 5.96
C GLU D 75 17.06 3.31 5.36
N GLU D 76 17.88 4.18 5.97
CA GLU D 76 18.05 5.52 5.43
C GLU D 76 18.63 5.49 4.03
N SER D 77 19.63 4.64 3.79
CA SER D 77 20.30 4.54 2.51
C SER D 77 19.72 3.44 1.64
N ARG D 78 18.43 3.15 1.77
CA ARG D 78 17.82 2.09 0.98
C ARG D 78 18.03 2.32 -0.52
N GLU D 79 17.95 3.58 -0.95
CA GLU D 79 18.14 3.89 -2.36
C GLU D 79 19.54 3.50 -2.83
N GLN D 80 20.57 4.00 -2.14
CA GLN D 80 21.95 3.75 -2.57
C GLN D 80 22.27 2.26 -2.54
N ILE D 81 21.60 1.50 -1.69
CA ILE D 81 21.87 0.06 -1.60
C ILE D 81 21.21 -0.67 -2.76
N GLU D 82 20.00 -0.27 -3.14
CA GLU D 82 19.37 -0.88 -4.30
C GLU D 82 20.16 -0.61 -5.57
N ASP D 83 20.74 0.59 -5.67
CA ASP D 83 21.54 0.93 -6.86
C ASP D 83 22.74 0.01 -6.99
N ALA D 84 23.39 -0.32 -5.87
CA ALA D 84 24.59 -1.14 -5.91
C ALA D 84 24.28 -2.62 -6.15
N ILE D 85 23.09 -3.08 -5.75
CA ILE D 85 22.72 -4.46 -5.95
C ILE D 85 22.08 -4.72 -7.31
N GLN D 86 21.53 -3.69 -7.96
CA GLN D 86 20.87 -3.84 -9.24
C GLN D 86 21.69 -4.71 -10.19
N GLY D 87 21.02 -5.69 -10.79
CA GLY D 87 21.65 -6.62 -11.70
C GLY D 87 22.08 -7.93 -11.07
N ALA D 88 22.08 -8.02 -9.74
CA ALA D 88 22.49 -9.23 -9.05
C ALA D 88 21.36 -10.26 -9.09
N ASP D 89 21.70 -11.48 -9.50
CA ASP D 89 20.76 -12.59 -9.43
C ASP D 89 20.94 -13.39 -8.15
N MET D 90 22.14 -13.37 -7.56
CA MET D 90 22.37 -13.95 -6.25
C MET D 90 23.26 -13.00 -5.45
N VAL D 91 23.06 -12.98 -4.15
CA VAL D 91 23.78 -12.06 -3.26
C VAL D 91 24.20 -12.82 -2.01
N PHE D 92 25.49 -12.73 -1.68
CA PHE D 92 26.01 -13.20 -0.39
C PHE D 92 26.18 -11.99 0.52
N VAL D 93 25.56 -12.03 1.70
CA VAL D 93 25.65 -10.94 2.66
C VAL D 93 26.27 -11.50 3.95
N THR D 94 27.16 -10.72 4.56
CA THR D 94 27.74 -11.09 5.83
C THR D 94 28.19 -9.85 6.58
N SER D 95 28.02 -9.86 7.89
CA SER D 95 28.66 -8.90 8.76
C SER D 95 29.98 -9.42 9.33
N GLY D 96 30.37 -10.64 8.96
CA GLY D 96 31.65 -11.19 9.37
C GLY D 96 31.81 -11.23 10.88
N MET D 97 33.07 -11.35 11.29
CA MET D 97 33.41 -11.43 12.71
C MET D 97 33.18 -10.07 13.38
N GLY D 98 32.91 -10.12 14.67
CA GLY D 98 32.65 -8.91 15.43
C GLY D 98 31.21 -8.44 15.29
N GLY D 99 30.89 -7.38 16.02
CA GLY D 99 29.56 -6.83 16.01
C GLY D 99 29.52 -5.38 15.59
N GLY D 100 28.68 -4.59 16.26
CA GLY D 100 28.55 -3.18 15.93
C GLY D 100 27.35 -2.91 15.06
N THR D 101 27.48 -1.92 14.16
CA THR D 101 26.37 -1.58 13.28
C THR D 101 26.08 -2.69 12.28
N GLY D 102 27.11 -3.39 11.81
CA GLY D 102 26.90 -4.44 10.83
C GLY D 102 25.88 -5.46 11.28
N THR D 103 25.86 -5.77 12.57
CA THR D 103 24.89 -6.73 13.10
C THR D 103 23.46 -6.33 12.74
N GLY D 104 23.17 -5.04 12.78
CA GLY D 104 21.83 -4.56 12.53
C GLY D 104 21.59 -4.14 11.09
N ALA D 105 22.66 -3.77 10.39
CA ALA D 105 22.51 -3.31 9.01
C ALA D 105 22.47 -4.46 8.03
N ALA D 106 23.21 -5.54 8.29
CA ALA D 106 23.30 -6.63 7.32
C ALA D 106 21.95 -7.29 7.06
N PRO D 107 21.11 -7.56 8.07
CA PRO D 107 19.78 -8.11 7.75
C PRO D 107 18.94 -7.19 6.88
N VAL D 108 19.17 -5.88 6.95
CA VAL D 108 18.42 -4.94 6.11
C VAL D 108 18.90 -5.02 4.68
N VAL D 109 20.22 -5.06 4.48
CA VAL D 109 20.77 -5.22 3.13
C VAL D 109 20.26 -6.51 2.51
N ALA D 110 20.19 -7.58 3.30
CA ALA D 110 19.64 -8.84 2.79
C ALA D 110 18.17 -8.68 2.41
N LYS D 111 17.39 -8.04 3.27
CA LYS D 111 15.99 -7.80 2.96
C LYS D 111 15.83 -7.02 1.67
N ILE D 112 16.69 -6.02 1.45
CA ILE D 112 16.63 -5.22 0.24
C ILE D 112 16.93 -6.07 -0.99
N ALA D 113 17.99 -6.88 -0.91
CA ALA D 113 18.37 -7.70 -2.05
C ALA D 113 17.28 -8.70 -2.39
N LYS D 114 16.67 -9.32 -1.36
CA LYS D 114 15.61 -10.29 -1.60
C LYS D 114 14.40 -9.65 -2.24
N GLU D 115 14.04 -8.44 -1.81
CA GLU D 115 12.93 -7.72 -2.43
C GLU D 115 13.21 -7.36 -3.89
N MET D 116 14.48 -7.27 -4.27
CA MET D 116 14.86 -7.00 -5.65
C MET D 116 14.96 -8.27 -6.49
N GLY D 117 14.61 -9.43 -5.92
CA GLY D 117 14.55 -10.67 -6.68
C GLY D 117 15.79 -11.53 -6.60
N ALA D 118 16.90 -11.02 -6.07
CA ALA D 118 18.12 -11.82 -5.99
C ALA D 118 17.96 -12.93 -4.96
N LEU D 119 18.47 -14.11 -5.30
CA LEU D 119 18.59 -15.17 -4.30
C LEU D 119 19.59 -14.73 -3.24
N THR D 120 19.12 -14.58 -2.02
CA THR D 120 19.85 -13.87 -0.98
C THR D 120 20.32 -14.85 0.09
N VAL D 121 21.63 -14.96 0.24
CA VAL D 121 22.23 -15.87 1.20
C VAL D 121 22.92 -15.05 2.29
N GLY D 122 22.64 -15.40 3.54
CA GLY D 122 23.32 -14.80 4.67
C GLY D 122 24.39 -15.73 5.19
N VAL D 123 25.64 -15.24 5.16
CA VAL D 123 26.80 -16.02 5.57
C VAL D 123 27.17 -15.61 6.99
N VAL D 124 27.12 -16.56 7.92
CA VAL D 124 27.45 -16.33 9.32
C VAL D 124 28.76 -17.05 9.62
N THR D 125 29.77 -16.28 10.02
CA THR D 125 31.04 -16.81 10.50
C THR D 125 31.22 -16.66 12.00
N ARG D 126 30.48 -15.76 12.64
CA ARG D 126 30.66 -15.48 14.06
C ARG D 126 29.94 -16.54 14.88
N PRO D 127 30.65 -17.29 15.74
CA PRO D 127 29.97 -18.29 16.58
C PRO D 127 28.83 -17.69 17.40
N PHE D 128 27.95 -18.55 17.90
CA PHE D 128 26.78 -18.12 18.65
C PHE D 128 26.13 -19.35 19.26
N SER D 129 25.14 -19.12 20.12
CA SER D 129 24.33 -20.20 20.67
C SER D 129 23.06 -19.59 21.24
N PHE D 130 21.99 -20.40 21.22
CA PHE D 130 20.70 -20.01 21.80
C PHE D 130 20.28 -20.92 22.95
N GLU D 131 21.18 -21.77 23.44
CA GLU D 131 20.85 -22.65 24.56
C GLU D 131 21.00 -21.92 25.88
N GLN D 136 20.06 -14.60 23.19
CA GLN D 136 20.41 -13.90 24.42
C GLN D 136 21.53 -12.89 24.17
N THR D 137 22.71 -13.38 23.82
CA THR D 137 23.82 -12.50 23.50
C THR D 137 23.49 -11.62 22.29
N GLN D 138 24.24 -10.54 22.13
CA GLN D 138 23.95 -9.58 21.08
C GLN D 138 24.22 -10.16 19.70
N ALA D 139 25.35 -10.84 19.53
CA ALA D 139 25.65 -11.48 18.25
C ALA D 139 24.57 -12.49 17.87
N ALA D 140 23.99 -13.18 18.86
CA ALA D 140 22.96 -14.16 18.56
C ALA D 140 21.70 -13.51 18.00
N ALA D 141 21.33 -12.35 18.55
CA ALA D 141 20.16 -11.65 18.02
C ALA D 141 20.33 -11.31 16.55
N GLY D 142 21.56 -11.00 16.13
CA GLY D 142 21.80 -10.71 14.73
C GLY D 142 21.57 -11.92 13.84
N VAL D 143 21.96 -13.10 14.31
CA VAL D 143 21.73 -14.31 13.52
C VAL D 143 20.23 -14.53 13.31
N GLU D 144 19.44 -14.31 14.35
CA GLU D 144 18.00 -14.50 14.23
C GLU D 144 17.39 -13.52 13.22
N ALA D 145 17.87 -12.29 13.21
CA ALA D 145 17.35 -11.30 12.26
C ALA D 145 17.82 -11.60 10.84
N MET D 146 19.09 -11.98 10.68
CA MET D 146 19.59 -12.33 9.35
C MET D 146 18.84 -13.54 8.80
N LYS D 147 18.55 -14.51 9.65
CA LYS D 147 17.83 -15.71 9.19
C LYS D 147 16.48 -15.35 8.62
N ALA D 148 15.77 -14.41 9.25
CA ALA D 148 14.44 -14.02 8.79
C ALA D 148 14.50 -13.19 7.52
N ALA D 149 15.64 -12.58 7.20
CA ALA D 149 15.74 -11.67 6.07
C ALA D 149 16.30 -12.32 4.81
N VAL D 150 16.80 -13.55 4.90
CA VAL D 150 17.50 -14.19 3.79
C VAL D 150 16.67 -15.35 3.27
N ASP D 151 17.01 -15.78 2.05
CA ASP D 151 16.43 -17.01 1.51
C ASP D 151 17.03 -18.24 2.21
N THR D 152 18.34 -18.24 2.43
CA THR D 152 19.00 -19.35 3.12
C THR D 152 20.15 -18.81 3.95
N LEU D 153 20.23 -19.27 5.19
CA LEU D 153 21.32 -18.92 6.09
C LEU D 153 22.34 -20.04 6.12
N ILE D 154 23.60 -19.71 5.87
CA ILE D 154 24.70 -20.67 5.94
C ILE D 154 25.64 -20.25 7.06
N VAL D 155 26.01 -21.20 7.90
CA VAL D 155 27.04 -21.01 8.92
C VAL D 155 28.28 -21.74 8.45
N ILE D 156 29.41 -21.04 8.47
CA ILE D 156 30.67 -21.57 7.94
C ILE D 156 31.80 -21.05 8.83
N PRO D 157 32.78 -21.88 9.20
CA PRO D 157 33.86 -21.38 10.06
C PRO D 157 34.63 -20.27 9.36
N ASN D 158 35.12 -19.32 10.16
CA ASN D 158 35.82 -18.16 9.62
C ASN D 158 36.98 -18.56 8.72
N ASP D 159 37.68 -19.66 9.05
CA ASP D 159 38.84 -20.07 8.29
C ASP D 159 38.50 -20.77 6.98
N ARG D 160 37.22 -21.00 6.71
CA ARG D 160 36.78 -21.52 5.41
C ARG D 160 35.99 -20.49 4.62
N LEU D 161 36.01 -19.22 5.06
CA LEU D 161 35.21 -18.19 4.42
C LEU D 161 35.43 -18.16 2.91
N LEU D 162 36.68 -18.32 2.48
CA LEU D 162 37.01 -18.15 1.07
C LEU D 162 36.48 -19.29 0.20
N ASP D 163 36.02 -20.40 0.80
CA ASP D 163 35.32 -21.41 0.03
C ASP D 163 34.12 -20.81 -0.70
N ILE D 164 33.49 -19.80 -0.09
CA ILE D 164 32.29 -19.21 -0.65
C ILE D 164 32.55 -18.48 -1.96
N VAL D 165 33.79 -18.04 -2.20
CA VAL D 165 34.14 -17.38 -3.46
C VAL D 165 34.96 -18.31 -4.35
N ASP D 166 35.94 -19.03 -3.78
CA ASP D 166 36.73 -19.95 -4.58
C ASP D 166 35.86 -21.01 -5.23
N LYS D 167 34.85 -21.49 -4.50
CA LYS D 167 33.95 -22.53 -4.98
C LYS D 167 32.55 -21.95 -5.20
N SER D 168 32.49 -20.73 -5.71
CA SER D 168 31.21 -20.02 -5.83
C SER D 168 30.24 -20.77 -6.72
N THR D 169 30.71 -21.32 -7.84
CA THR D 169 29.79 -22.00 -8.76
C THR D 169 29.16 -23.23 -8.13
N PRO D 170 29.91 -24.16 -7.53
CA PRO D 170 29.23 -25.24 -6.78
C PRO D 170 28.34 -24.74 -5.66
N MET D 171 28.79 -23.74 -4.91
CA MET D 171 28.00 -23.24 -3.79
C MET D 171 26.70 -22.62 -4.27
N MET D 172 26.73 -21.91 -5.41
CA MET D 172 25.50 -21.33 -5.94
C MET D 172 24.47 -22.42 -6.25
N GLU D 173 24.92 -23.60 -6.69
CA GLU D 173 23.99 -24.68 -6.97
C GLU D 173 23.41 -25.27 -5.69
N ALA D 174 24.19 -25.26 -4.60
CA ALA D 174 23.65 -25.73 -3.32
C ALA D 174 22.59 -24.78 -2.80
N PHE D 175 22.79 -23.46 -2.96
CA PHE D 175 21.84 -22.49 -2.43
C PHE D 175 20.57 -22.46 -3.26
N LYS D 176 20.69 -22.62 -4.59
CA LYS D 176 19.51 -22.78 -5.41
C LYS D 176 18.68 -23.98 -4.95
N GLU D 177 19.35 -25.08 -4.60
CA GLU D 177 18.65 -26.26 -4.08
C GLU D 177 17.92 -25.91 -2.79
N ALA D 178 18.61 -25.27 -1.84
CA ALA D 178 17.97 -24.87 -0.60
C ALA D 178 16.78 -23.96 -0.85
N ASP D 179 16.95 -22.98 -1.75
CA ASP D 179 15.87 -22.05 -2.05
C ASP D 179 14.67 -22.77 -2.63
N ASN D 180 14.90 -23.70 -3.57
CA ASN D 180 13.79 -24.40 -4.20
C ASN D 180 13.07 -25.31 -3.21
N VAL D 181 13.82 -25.92 -2.28
CA VAL D 181 13.19 -26.81 -1.31
C VAL D 181 12.31 -26.02 -0.36
N LEU D 182 12.81 -24.88 0.13
CA LEU D 182 12.02 -24.03 1.02
C LEU D 182 10.74 -23.58 0.34
N ARG D 183 10.86 -22.96 -0.84
CA ARG D 183 9.71 -22.32 -1.47
C ARG D 183 8.71 -23.31 -2.05
N GLN D 184 9.06 -24.58 -2.18
CA GLN D 184 8.11 -25.61 -2.56
C GLN D 184 7.71 -26.50 -1.40
N GLY D 185 8.25 -26.27 -0.21
CA GLY D 185 7.87 -27.07 0.95
C GLY D 185 8.03 -28.56 0.72
N VAL D 186 9.13 -28.97 0.08
CA VAL D 186 9.36 -30.39 -0.15
C VAL D 186 9.46 -31.10 1.19
N GLN D 187 8.81 -32.27 1.28
CA GLN D 187 8.75 -33.03 2.54
C GLN D 187 8.35 -32.14 3.72
N GLY D 188 7.52 -31.13 3.45
CA GLY D 188 7.03 -30.26 4.50
C GLY D 188 8.05 -29.34 5.11
N ILE D 189 9.22 -29.18 4.49
CA ILE D 189 10.25 -28.31 5.05
C ILE D 189 9.77 -26.87 5.01
N SER D 190 9.90 -26.18 6.15
CA SER D 190 9.50 -24.79 6.27
C SER D 190 10.59 -23.88 6.77
N ASP D 191 11.75 -24.43 7.16
CA ASP D 191 12.83 -23.64 7.74
C ASP D 191 14.11 -24.44 7.55
N LEU D 192 15.22 -23.75 7.29
CA LEU D 192 16.41 -24.42 6.81
C LEU D 192 17.65 -23.61 7.17
N ILE D 193 18.66 -24.29 7.70
CA ILE D 193 19.99 -23.74 7.90
C ILE D 193 20.99 -24.65 7.19
N ALA D 194 21.89 -24.04 6.42
CA ALA D 194 22.92 -24.78 5.71
C ALA D 194 24.23 -24.71 6.48
N VAL D 195 25.08 -25.72 6.27
CA VAL D 195 26.33 -25.85 7.01
C VAL D 195 27.42 -26.30 6.04
N SER D 196 28.62 -25.73 6.20
CA SER D 196 29.79 -26.15 5.44
C SER D 196 30.99 -26.23 6.38
N GLY D 197 31.71 -27.34 6.32
CA GLY D 197 32.88 -27.51 7.15
C GLY D 197 32.54 -27.96 8.56
N GLU D 198 33.55 -27.86 9.43
CA GLU D 198 33.41 -28.28 10.82
C GLU D 198 32.92 -27.08 11.63
N VAL D 199 31.60 -26.96 11.73
CA VAL D 199 30.97 -25.90 12.51
C VAL D 199 30.59 -26.48 13.86
N ASN D 200 31.05 -25.85 14.94
CA ASN D 200 30.76 -26.35 16.29
C ASN D 200 29.41 -25.77 16.74
N LEU D 201 28.36 -26.34 16.16
CA LEU D 201 27.00 -26.07 16.56
C LEU D 201 26.26 -27.39 16.71
N ASP D 202 25.49 -27.53 17.78
CA ASP D 202 24.56 -28.64 17.94
C ASP D 202 23.15 -28.11 17.75
N PHE D 203 22.20 -29.03 17.49
CA PHE D 203 20.84 -28.59 17.25
C PHE D 203 20.30 -27.79 18.42
N ALA D 204 20.81 -28.04 19.63
CA ALA D 204 20.38 -27.25 20.79
C ALA D 204 20.80 -25.80 20.66
N ASP D 205 21.88 -25.52 19.92
CA ASP D 205 22.34 -24.15 19.74
C ASP D 205 21.44 -23.36 18.80
N VAL D 206 20.68 -24.04 17.93
CA VAL D 206 19.85 -23.37 16.94
C VAL D 206 18.38 -23.74 17.05
N LYS D 207 18.02 -24.72 17.89
CA LYS D 207 16.62 -25.10 18.03
C LYS D 207 15.75 -23.87 18.31
N THR D 208 16.22 -22.98 19.17
CA THR D 208 15.44 -21.79 19.50
C THR D 208 15.18 -20.93 18.27
N ILE D 209 16.12 -20.91 17.32
CA ILE D 209 16.03 -20.01 16.18
C ILE D 209 15.24 -20.61 15.02
N MET D 210 14.82 -21.88 15.11
CA MET D 210 14.17 -22.57 14.02
C MET D 210 12.75 -22.95 14.40
N SER D 211 11.93 -23.17 13.37
CA SER D 211 10.52 -23.48 13.56
C SER D 211 10.36 -24.77 14.35
N ASN D 212 9.26 -24.85 15.11
CA ASN D 212 8.97 -26.05 15.88
C ASN D 212 8.63 -27.22 14.99
N GLN D 213 8.09 -26.97 13.80
CA GLN D 213 7.73 -28.01 12.85
C GLN D 213 8.32 -27.71 11.49
N GLY D 214 8.89 -28.74 10.86
CA GLY D 214 9.37 -28.62 9.49
C GLY D 214 10.73 -28.02 9.33
N SER D 215 11.51 -27.89 10.39
CA SER D 215 12.86 -27.38 10.26
C SER D 215 13.77 -28.44 9.63
N ALA D 216 14.80 -27.97 8.93
CA ALA D 216 15.69 -28.85 8.18
C ALA D 216 17.11 -28.34 8.28
N LEU D 217 18.06 -29.26 8.06
CA LEU D 217 19.49 -28.95 8.09
C LEU D 217 20.12 -29.47 6.80
N MET D 218 20.90 -28.62 6.14
CA MET D 218 21.53 -28.96 4.87
C MET D 218 23.04 -28.94 5.02
N GLY D 219 23.68 -30.07 4.73
CA GLY D 219 25.13 -30.14 4.65
C GLY D 219 25.57 -30.00 3.21
N ILE D 220 26.69 -29.30 3.00
CA ILE D 220 27.22 -29.02 1.68
C ILE D 220 28.62 -29.60 1.58
N GLY D 221 28.85 -30.41 0.55
CA GLY D 221 30.16 -30.97 0.30
C GLY D 221 30.64 -30.73 -1.11
N VAL D 222 31.80 -30.09 -1.24
CA VAL D 222 32.41 -29.79 -2.54
C VAL D 222 33.79 -30.44 -2.58
N SER D 223 34.11 -31.03 -3.72
CA SER D 223 35.44 -31.63 -3.92
C SER D 223 35.60 -31.95 -5.39
N SER D 224 36.82 -32.30 -5.76
CA SER D 224 37.18 -32.59 -7.14
C SER D 224 38.19 -33.72 -7.19
N GLY D 225 38.40 -34.24 -8.39
CA GLY D 225 39.46 -35.21 -8.61
C GLY D 225 39.12 -36.64 -8.20
N GLU D 226 40.10 -37.32 -7.62
CA GLU D 226 40.01 -38.74 -7.36
C GLU D 226 39.08 -39.03 -6.19
N ASN D 227 38.10 -39.92 -6.41
CA ASN D 227 37.13 -40.29 -5.38
C ASN D 227 36.24 -39.12 -5.01
N ARG D 228 36.04 -38.19 -5.94
CA ARG D 228 35.35 -36.93 -5.61
C ARG D 228 33.93 -37.18 -5.16
N ALA D 229 33.21 -38.09 -5.83
CA ALA D 229 31.82 -38.37 -5.46
C ALA D 229 31.71 -38.74 -3.98
N VAL D 230 32.48 -39.75 -3.57
CA VAL D 230 32.40 -40.22 -2.19
C VAL D 230 32.90 -39.18 -1.21
N GLU D 231 33.97 -38.45 -1.59
CA GLU D 231 34.53 -37.45 -0.68
C GLU D 231 33.52 -36.35 -0.38
N ALA D 232 32.91 -35.78 -1.44
CA ALA D 232 31.94 -34.71 -1.23
C ALA D 232 30.78 -35.17 -0.37
N ALA D 233 30.28 -36.39 -0.61
CA ALA D 233 29.19 -36.91 0.21
C ALA D 233 29.60 -36.98 1.68
N LYS D 234 30.83 -37.41 1.95
CA LYS D 234 31.30 -37.46 3.33
C LYS D 234 31.42 -36.07 3.93
N LYS D 235 31.91 -35.10 3.16
CA LYS D 235 31.99 -33.73 3.66
C LYS D 235 30.60 -33.20 4.00
N ALA D 236 29.59 -33.53 3.18
CA ALA D 236 28.26 -32.98 3.40
C ALA D 236 27.68 -33.42 4.73
N ILE D 237 27.92 -34.67 5.12
CA ILE D 237 27.42 -35.20 6.38
C ILE D 237 28.48 -35.15 7.48
N SER D 238 29.49 -34.29 7.32
CA SER D 238 30.62 -34.27 8.25
C SER D 238 30.36 -33.40 9.47
N SER D 239 29.59 -32.33 9.33
CA SER D 239 29.42 -31.39 10.44
C SER D 239 28.64 -32.04 11.58
N PRO D 240 28.83 -31.57 12.81
CA PRO D 240 28.05 -32.11 13.93
C PRO D 240 26.55 -32.08 13.67
N LEU D 241 26.03 -30.96 13.16
CA LEU D 241 24.60 -30.85 12.93
C LEU D 241 24.09 -31.96 12.02
N LEU D 242 24.82 -32.26 10.95
CA LEU D 242 24.38 -33.29 10.01
C LEU D 242 24.77 -34.69 10.48
N GLU D 243 25.93 -34.83 11.13
CA GLU D 243 26.34 -36.12 11.65
C GLU D 243 25.29 -36.68 12.60
N THR D 244 24.64 -35.80 13.37
CA THR D 244 23.64 -36.23 14.35
C THR D 244 22.25 -36.35 13.73
N SER D 245 21.82 -35.37 12.93
CA SER D 245 20.45 -35.37 12.44
C SER D 245 20.21 -36.41 11.36
N ILE D 246 21.26 -36.85 10.65
CA ILE D 246 21.07 -37.82 9.58
C ILE D 246 20.66 -39.19 10.11
N VAL D 247 20.98 -39.51 11.37
CA VAL D 247 20.61 -40.81 11.91
C VAL D 247 19.15 -40.81 12.37
N GLY D 248 18.60 -39.65 12.73
CA GLY D 248 17.24 -39.57 13.21
C GLY D 248 16.24 -39.04 12.19
N ALA D 249 16.75 -38.55 11.06
CA ALA D 249 15.89 -37.92 10.07
C ALA D 249 14.93 -38.92 9.45
N GLN D 250 13.64 -38.60 9.49
CA GLN D 250 12.64 -39.39 8.77
C GLN D 250 12.62 -39.05 7.28
N GLY D 251 13.24 -37.94 6.88
CA GLY D 251 13.33 -37.58 5.48
C GLY D 251 14.69 -37.02 5.13
N VAL D 252 15.18 -37.35 3.93
CA VAL D 252 16.47 -36.85 3.45
C VAL D 252 16.31 -36.46 1.99
N LEU D 253 16.75 -35.26 1.66
CA LEU D 253 16.80 -34.77 0.29
C LEU D 253 18.26 -34.67 -0.10
N MET D 254 18.69 -35.53 -1.02
CA MET D 254 20.08 -35.56 -1.45
C MET D 254 20.18 -35.20 -2.93
N ASN D 255 21.16 -34.37 -3.25
CA ASN D 255 21.46 -34.00 -4.62
C ASN D 255 22.97 -34.03 -4.82
N ILE D 256 23.39 -34.52 -5.98
CA ILE D 256 24.78 -34.41 -6.42
C ILE D 256 24.78 -33.79 -7.80
N THR D 257 25.61 -32.76 -7.98
CA THR D 257 25.68 -32.02 -9.24
C THR D 257 27.14 -31.97 -9.69
N GLY D 258 27.35 -32.21 -10.98
CA GLY D 258 28.68 -32.23 -11.54
C GLY D 258 28.64 -31.90 -13.02
N GLY D 259 29.83 -31.85 -13.61
CA GLY D 259 29.97 -31.55 -15.02
C GLY D 259 29.67 -32.74 -15.90
N GLU D 260 30.02 -32.61 -17.18
CA GLU D 260 29.79 -33.67 -18.14
C GLU D 260 30.58 -34.93 -17.80
N SER D 261 31.61 -34.82 -16.96
CA SER D 261 32.39 -35.99 -16.57
C SER D 261 31.66 -36.88 -15.56
N LEU D 262 30.61 -36.37 -14.92
CA LEU D 262 29.88 -37.13 -13.92
C LEU D 262 28.89 -38.06 -14.61
N SER D 263 28.94 -39.35 -14.25
CA SER D 263 28.03 -40.35 -14.78
C SER D 263 27.04 -40.79 -13.70
N LEU D 264 25.92 -41.35 -14.13
CA LEU D 264 24.92 -41.84 -13.19
C LEU D 264 25.53 -42.83 -12.21
N PHE D 265 26.45 -43.68 -12.68
CA PHE D 265 27.07 -44.65 -11.78
C PHE D 265 28.00 -43.97 -10.80
N GLU D 266 28.76 -42.97 -11.24
CA GLU D 266 29.61 -42.23 -10.32
C GLU D 266 28.78 -41.55 -9.23
N ALA D 267 27.65 -40.94 -9.62
CA ALA D 267 26.78 -40.32 -8.63
C ALA D 267 26.23 -41.35 -7.66
N GLN D 268 25.91 -42.56 -8.15
CA GLN D 268 25.42 -43.60 -7.28
C GLN D 268 26.37 -43.89 -6.13
N GLU D 269 27.67 -43.73 -6.35
CA GLU D 269 28.64 -43.91 -5.27
C GLU D 269 28.35 -42.99 -4.10
N ALA D 270 28.03 -41.73 -4.39
CA ALA D 270 27.79 -40.76 -3.32
C ALA D 270 26.50 -41.07 -2.57
N ALA D 271 25.45 -41.47 -3.30
CA ALA D 271 24.18 -41.79 -2.64
C ALA D 271 24.34 -42.96 -1.68
N ASP D 272 25.16 -43.95 -2.04
CA ASP D 272 25.35 -45.11 -1.17
C ASP D 272 25.90 -44.68 0.19
N ILE D 273 26.82 -43.72 0.21
CA ILE D 273 27.37 -43.25 1.48
C ILE D 273 26.26 -42.66 2.34
N VAL D 274 25.41 -41.81 1.76
CA VAL D 274 24.38 -41.14 2.55
C VAL D 274 23.31 -42.14 2.97
N GLN D 275 22.93 -43.06 2.08
CA GLN D 275 21.95 -44.07 2.44
C GLN D 275 22.46 -44.97 3.56
N ASP D 276 23.78 -45.17 3.63
CA ASP D 276 24.34 -46.00 4.69
C ASP D 276 24.29 -45.28 6.04
N ALA D 277 24.62 -43.98 6.06
CA ALA D 277 24.60 -43.22 7.30
C ALA D 277 23.18 -42.90 7.75
N ALA D 278 22.20 -42.96 6.87
CA ALA D 278 20.83 -42.61 7.20
C ALA D 278 20.07 -43.82 7.73
N ASP D 279 18.95 -43.56 8.39
CA ASP D 279 18.12 -44.62 8.93
C ASP D 279 17.59 -45.50 7.80
N GLU D 280 17.40 -46.78 8.11
CA GLU D 280 17.00 -47.75 7.09
C GLU D 280 15.59 -47.52 6.58
N ASP D 281 14.72 -46.87 7.36
CA ASP D 281 13.36 -46.59 6.95
C ASP D 281 13.16 -45.15 6.50
N VAL D 282 14.25 -44.44 6.18
CA VAL D 282 14.15 -43.03 5.82
C VAL D 282 13.41 -42.87 4.50
N ASN D 283 12.70 -41.75 4.37
CA ASN D 283 12.09 -41.34 3.11
C ASN D 283 13.11 -40.48 2.39
N MET D 284 13.90 -41.08 1.50
CA MET D 284 15.03 -40.41 0.86
C MET D 284 14.72 -40.14 -0.59
N ILE D 285 14.99 -38.92 -1.03
CA ILE D 285 14.94 -38.53 -2.43
C ILE D 285 16.36 -38.27 -2.88
N PHE D 286 16.78 -38.93 -3.95
CA PHE D 286 18.14 -38.84 -4.45
C PHE D 286 18.10 -38.27 -5.86
N GLY D 287 18.77 -37.14 -6.05
CA GLY D 287 18.83 -36.49 -7.35
C GLY D 287 20.26 -36.42 -7.87
N THR D 288 20.42 -36.63 -9.18
CA THR D 288 21.69 -36.49 -9.87
C THR D 288 21.49 -35.50 -10.99
N VAL D 289 22.37 -34.50 -11.07
CA VAL D 289 22.27 -33.46 -12.09
C VAL D 289 23.60 -33.37 -12.81
N ILE D 290 23.57 -33.51 -14.14
CA ILE D 290 24.74 -33.36 -14.98
C ILE D 290 24.66 -31.98 -15.62
N ASN D 291 25.54 -31.08 -15.20
CA ASN D 291 25.50 -29.68 -15.64
C ASN D 291 26.89 -29.26 -16.10
N PRO D 292 27.10 -29.01 -17.40
CA PRO D 292 28.46 -28.69 -17.86
C PRO D 292 29.08 -27.49 -17.16
N GLU D 293 28.27 -26.57 -16.64
CA GLU D 293 28.81 -25.37 -16.00
C GLU D 293 29.60 -25.67 -14.75
N LEU D 294 29.56 -26.91 -14.24
CA LEU D 294 30.31 -27.27 -13.04
C LEU D 294 31.77 -27.60 -13.32
N GLN D 295 32.15 -27.82 -14.57
CA GLN D 295 33.54 -28.07 -14.94
C GLN D 295 33.97 -29.39 -14.27
N ASP D 296 35.07 -29.41 -13.52
CA ASP D 296 35.61 -30.63 -12.95
C ASP D 296 35.16 -30.89 -11.52
N GLU D 297 34.41 -29.97 -10.92
CA GLU D 297 34.00 -30.11 -9.53
C GLU D 297 32.62 -30.75 -9.43
N ILE D 298 32.30 -31.21 -8.23
CA ILE D 298 30.98 -31.72 -7.91
C ILE D 298 30.59 -31.20 -6.54
N VAL D 299 29.29 -31.02 -6.33
CA VAL D 299 28.76 -30.60 -5.05
C VAL D 299 27.67 -31.56 -4.62
N VAL D 300 27.69 -31.95 -3.35
CA VAL D 300 26.66 -32.79 -2.76
C VAL D 300 25.98 -31.99 -1.66
N THR D 301 24.65 -31.96 -1.69
CA THR D 301 23.86 -31.37 -0.62
C THR D 301 22.99 -32.46 0.01
N VAL D 302 22.95 -32.48 1.34
CA VAL D 302 22.18 -33.44 2.10
C VAL D 302 21.29 -32.66 3.06
N ILE D 303 19.99 -32.66 2.82
CA ILE D 303 19.02 -31.98 3.68
C ILE D 303 18.35 -33.04 4.55
N ALA D 304 18.43 -32.87 5.86
CA ALA D 304 17.81 -33.78 6.81
C ALA D 304 16.67 -33.07 7.51
N THR D 305 15.49 -33.70 7.52
CA THR D 305 14.32 -33.16 8.17
C THR D 305 13.57 -34.30 8.85
N GLY D 306 12.59 -33.93 9.67
CA GLY D 306 11.82 -34.92 10.41
C GLY D 306 12.62 -35.60 11.51
N PHE D 307 13.49 -34.85 12.18
CA PHE D 307 14.32 -35.37 13.27
C PHE D 307 13.98 -34.75 14.61
N ASP D 308 12.99 -33.86 14.66
CA ASP D 308 12.75 -33.02 15.83
C ASP D 308 11.74 -33.65 16.78
S SO4 E . -10.04 17.91 5.95
O1 SO4 E . -8.70 17.32 5.96
O2 SO4 E . -11.03 16.85 5.74
O3 SO4 E . -10.30 18.58 7.22
O4 SO4 E . -10.13 18.88 4.85
C1 GOL F . 9.99 34.22 16.97
O1 GOL F . 9.45 33.31 17.89
C2 GOL F . 10.73 35.32 17.79
O2 GOL F . 10.95 36.44 17.03
C3 GOL F . 9.82 35.59 19.01
O3 GOL F . 10.22 36.82 19.53
H11 GOL F . 9.31 34.63 16.42
H12 GOL F . 10.62 33.80 16.36
H2 GOL F . 11.60 35.00 18.08
HO2 GOL F . 10.86 37.13 17.54
H31 GOL F . 9.90 34.86 19.64
H32 GOL F . 8.89 35.59 18.72
HO3 GOL F . 9.86 36.90 20.29
C1 GOL G . 11.24 24.38 15.47
O1 GOL G . 11.13 23.14 16.12
C2 GOL G . 12.38 25.17 16.13
O2 GOL G . 12.14 25.40 17.48
C3 GOL G . 13.66 24.35 15.91
O3 GOL G . 14.69 24.94 16.67
H11 GOL G . 10.42 24.89 15.51
H12 GOL G . 11.44 24.28 14.52
HO1 GOL G . 10.45 23.20 16.63
H2 GOL G . 12.46 26.04 15.72
HO2 GOL G . 12.27 24.67 17.89
H31 GOL G . 13.85 24.33 14.95
H32 GOL G . 13.48 23.42 16.16
HO3 GOL G . 15.37 24.43 16.60
C1 GOL H . 16.73 20.59 21.80
O1 GOL H . 16.02 20.19 20.66
C2 GOL H . 17.32 19.34 22.42
O2 GOL H . 18.16 19.64 23.50
C3 GOL H . 16.10 18.52 22.84
O3 GOL H . 16.49 17.76 23.95
H11 GOL H . 17.43 21.23 21.60
H12 GOL H . 16.15 21.04 22.45
H2 GOL H . 17.88 18.85 21.80
H31 GOL H . 15.37 19.12 23.04
H32 GOL H . 15.81 17.98 22.09
CL CL I . -6.69 18.00 10.45
CL CL J . -17.55 29.40 15.67
CL CL K . 13.02 34.58 26.10
C1 GOL L . -29.79 5.90 -12.70
O1 GOL L . -30.75 5.76 -11.70
C2 GOL L . -30.08 4.82 -13.76
O2 GOL L . -31.44 4.53 -13.86
C3 GOL L . -29.51 5.35 -15.09
O3 GOL L . -30.18 4.70 -16.12
H11 GOL L . -29.81 6.77 -13.11
H12 GOL L . -28.89 5.79 -12.35
H2 GOL L . -29.64 3.98 -13.51
HO2 GOL L . -31.82 4.85 -13.16
H31 GOL L . -29.60 6.32 -15.11
H32 GOL L . -28.54 5.20 -15.10
HO3 GOL L . -30.96 4.51 -15.83
S SO4 M . -16.37 -30.43 -22.40
O1 SO4 M . -15.11 -29.99 -21.80
O2 SO4 M . -16.28 -31.85 -22.73
O3 SO4 M . -17.46 -30.22 -21.45
O4 SO4 M . -16.63 -29.66 -23.62
S SO4 N . 8.33 -17.83 -4.93
O1 SO4 N . 9.56 -18.00 -5.70
O2 SO4 N . 7.46 -18.96 -5.15
O3 SO4 N . 7.67 -16.60 -5.37
O4 SO4 N . 8.66 -17.72 -3.51
C1 GOL O . -5.33 -27.83 -27.77
O1 GOL O . -4.89 -26.60 -28.27
C2 GOL O . -5.88 -28.63 -28.97
O2 GOL O . -4.88 -28.98 -29.87
C3 GOL O . -6.54 -29.89 -28.36
O3 GOL O . -7.60 -29.45 -27.56
H11 GOL O . -6.02 -27.73 -27.09
H12 GOL O . -4.62 -28.33 -27.33
HO1 GOL O . -4.60 -26.16 -27.61
H2 GOL O . -6.52 -28.10 -29.45
HO2 GOL O . -4.93 -29.82 -30.01
H31 GOL O . -5.87 -30.38 -27.86
H32 GOL O . -6.82 -30.48 -29.08
HO3 GOL O . -8.04 -30.15 -27.33
CL CL P . 8.87 -18.45 -8.82
CL CL Q . 17.14 -30.72 -13.24
CL CL R . 9.87 -9.55 -23.98
MG MG S . -18.15 -19.64 -19.26
S SO4 T . 38.65 -11.06 10.28
O1 SO4 T . 39.09 -12.43 10.55
O2 SO4 T . 37.95 -11.02 9.00
O3 SO4 T . 37.76 -10.61 11.34
O4 SO4 T . 39.83 -10.18 10.21
C1 GOL U . 30.17 -20.59 13.16
O1 GOL U . 28.92 -20.21 13.63
C2 GOL U . 30.83 -21.43 14.28
O2 GOL U . 29.92 -22.28 14.88
C3 GOL U . 31.97 -22.21 13.57
O3 GOL U . 32.38 -23.23 14.44
H11 GOL U . 30.74 -19.83 12.95
H12 GOL U . 30.12 -21.11 12.34
H2 GOL U . 31.18 -20.86 14.97
HO2 GOL U . 29.15 -21.95 14.77
H31 GOL U . 32.69 -21.59 13.36
H32 GOL U . 31.66 -22.54 12.72
HO3 GOL U . 32.72 -22.85 15.12
CL CL V . 30.01 -0.32 14.60
CL CL W . 16.70 -32.68 -5.03
CL CL X . 30.58 -6.56 11.82
MG MG Y . 30.62 -3.42 12.80
#